data_5YFU
#
_entry.id   5YFU
#
_cell.length_a   98.980
_cell.length_b   98.980
_cell.length_c   256.611
_cell.angle_alpha   90.000
_cell.angle_beta   90.000
_cell.angle_gamma   120.000
#
_symmetry.space_group_name_H-M   'P 31 1 2'
#
loop_
_entity.id
_entity.type
_entity.pdbx_description
1 polymer 'Ribose-1,5-bisphosphate isomerase'
2 non-polymer RIBULOSE-1,5-DIPHOSPHATE
3 non-polymer 'POTASSIUM ION'
4 non-polymer 'ADENOSINE MONOPHOSPHATE'
5 non-polymer (4S)-2-METHYL-2,4-PENTANEDIOL
6 water water
#
_entity_poly.entity_id   1
_entity_poly.type   'polypeptide(L)'
_entity_poly.pdbx_seq_one_letter_code
;MGAMIVKEVYETAEKIKSMEIRGAGRIARAAAQALMIQAEKSKAKEPEELWNELKVASKILYNTRPTAVSLPNALRYVMH
RVKAAYLGGADLETLRFTAINSAKEFIYNSEKAIERIGEIGAKRIEDGDIIMTHCHSKAAISVMKKAFEQGKNIKVIVTE
TRPKWQGKITAKELASYGIPVIYIVDSAARHYMKMTDKVVMGADSITANGAVINKIGTSLIALTAKEHRVWVMIAAETYK
FHPATMLGQLVEIEMRDPTEVIPEEELRTWPKNIEVWNPAFDVTPPEYIDVIITERGIIPPYAAIDILKEEFGWALKYKE
PWED
;
_entity_poly.pdbx_strand_id   A,B,C
#
loop_
_chem_comp.id
_chem_comp.type
_chem_comp.name
_chem_comp.formula
AMP non-polymer 'ADENOSINE MONOPHOSPHATE' 'C10 H14 N5 O7 P'
K non-polymer 'POTASSIUM ION' 'K 1'
MPD non-polymer (4S)-2-METHYL-2,4-PENTANEDIOL 'C6 H14 O2'
RUB saccharide RIBULOSE-1,5-DIPHOSPHATE 'C5 H12 O11 P2'
#
# COMPACT_ATOMS: atom_id res chain seq x y z
N ALA A 3 25.54 -10.59 36.84
CA ALA A 3 25.16 -10.21 38.23
C ALA A 3 24.72 -8.71 38.35
N MET A 4 23.96 -8.40 39.40
CA MET A 4 23.88 -7.07 40.07
C MET A 4 22.89 -6.03 39.53
N ILE A 5 21.61 -6.32 39.78
CA ILE A 5 20.49 -5.58 39.23
C ILE A 5 19.66 -4.94 40.36
N VAL A 6 19.22 -3.70 40.17
CA VAL A 6 18.48 -3.00 41.23
C VAL A 6 17.03 -3.47 41.42
N LYS A 7 16.51 -3.19 42.60
CA LYS A 7 15.13 -3.52 42.93
C LYS A 7 14.17 -3.14 41.79
N GLU A 8 14.27 -1.88 41.33
CA GLU A 8 13.32 -1.29 40.38
C GLU A 8 13.20 -2.05 39.07
N VAL A 9 14.29 -2.61 38.57
CA VAL A 9 14.22 -3.47 37.42
C VAL A 9 13.32 -4.68 37.74
N TYR A 10 13.59 -5.42 38.83
CA TYR A 10 12.80 -6.63 39.17
C TYR A 10 11.32 -6.33 39.44
N GLU A 11 11.03 -5.23 40.13
CA GLU A 11 9.66 -4.89 40.55
C GLU A 11 8.80 -4.48 39.35
N THR A 12 9.43 -3.82 38.40
CA THR A 12 8.83 -3.45 37.17
C THR A 12 8.56 -4.69 36.33
N ALA A 13 9.52 -5.60 36.24
CA ALA A 13 9.33 -6.78 35.46
C ALA A 13 8.09 -7.57 35.99
N GLU A 14 8.01 -7.74 37.32
CA GLU A 14 6.88 -8.39 37.99
C GLU A 14 5.56 -7.67 37.81
N LYS A 15 5.61 -6.35 37.72
CA LYS A 15 4.40 -5.57 37.57
C LYS A 15 3.87 -5.55 36.11
N ILE A 16 4.76 -5.82 35.15
CA ILE A 16 4.40 -6.09 33.76
C ILE A 16 3.74 -7.47 33.60
N LYS A 17 4.44 -8.51 34.07
CA LYS A 17 3.90 -9.89 34.20
C LYS A 17 2.51 -9.95 34.83
N SER A 18 2.32 -9.29 35.94
CA SER A 18 1.04 -9.35 36.63
C SER A 18 -0.04 -8.41 36.05
N MET A 19 0.32 -7.59 35.05
CA MET A 19 -0.53 -6.54 34.47
C MET A 19 -0.95 -5.42 35.38
N GLU A 20 -0.27 -5.23 36.50
CA GLU A 20 -0.44 -3.98 37.30
C GLU A 20 0.09 -2.74 36.49
N ILE A 21 1.10 -2.96 35.65
CA ILE A 21 1.51 -2.03 34.60
C ILE A 21 1.05 -2.67 33.28
N ARG A 22 0.21 -1.97 32.55
CA ARG A 22 -0.39 -2.56 31.32
C ARG A 22 -0.66 -1.52 30.24
N GLY A 23 -1.08 -1.97 29.06
CA GLY A 23 -1.21 -1.07 27.91
C GLY A 23 0.16 -0.99 27.29
N ALA A 24 0.25 -1.24 25.98
CA ALA A 24 1.54 -1.44 25.32
C ALA A 24 2.49 -0.23 25.43
N GLY A 25 1.92 0.98 25.43
CA GLY A 25 2.68 2.20 25.52
C GLY A 25 3.28 2.31 26.90
N ARG A 26 2.46 2.07 27.91
CA ARG A 26 2.91 2.21 29.27
C ARG A 26 3.97 1.19 29.67
N ILE A 27 3.72 -0.05 29.32
CA ILE A 27 4.73 -1.09 29.43
C ILE A 27 6.07 -0.63 28.88
N ALA A 28 6.03 -0.01 27.70
CA ALA A 28 7.23 0.46 26.99
C ALA A 28 8.00 1.52 27.76
N ARG A 29 7.28 2.50 28.29
CA ARG A 29 7.86 3.58 29.07
C ARG A 29 8.37 3.04 30.37
N ALA A 30 7.61 2.12 30.97
CA ALA A 30 8.03 1.51 32.23
C ALA A 30 9.37 0.81 32.06
N ALA A 31 9.57 0.18 30.91
CA ALA A 31 10.75 -0.60 30.64
C ALA A 31 11.95 0.35 30.47
N ALA A 32 11.77 1.39 29.66
CA ALA A 32 12.76 2.44 29.53
C ALA A 32 13.10 3.04 30.92
N GLN A 33 12.06 3.33 31.72
CA GLN A 33 12.20 3.89 33.07
C GLN A 33 13.07 2.99 33.94
N ALA A 34 12.87 1.68 33.84
CA ALA A 34 13.69 0.73 34.57
C ALA A 34 15.16 0.69 34.16
N LEU A 35 15.45 0.70 32.87
CA LEU A 35 16.86 0.77 32.46
C LEU A 35 17.45 2.09 32.96
N MET A 36 16.64 3.16 32.99
CA MET A 36 17.08 4.47 33.50
C MET A 36 17.45 4.43 35.00
N ILE A 37 16.76 3.65 35.82
CA ILE A 37 17.09 3.55 37.23
C ILE A 37 18.32 2.65 37.49
N GLN A 38 18.47 1.58 36.73
CA GLN A 38 19.66 0.74 36.78
C GLN A 38 20.93 1.58 36.50
N ALA A 39 20.86 2.53 35.58
CA ALA A 39 22.00 3.34 35.20
C ALA A 39 22.20 4.43 36.25
N GLU A 40 21.12 5.07 36.69
CA GLU A 40 21.17 5.99 37.81
C GLU A 40 21.90 5.37 39.00
N LYS A 41 21.38 4.24 39.49
CA LYS A 41 21.78 3.67 40.82
C LYS A 41 22.93 2.66 40.80
N SER A 42 23.37 2.30 39.62
CA SER A 42 24.40 1.28 39.48
C SER A 42 25.64 1.72 40.25
N LYS A 43 26.17 0.80 41.04
CA LYS A 43 27.42 1.01 41.73
C LYS A 43 28.60 0.43 40.92
N ALA A 44 28.42 0.28 39.60
CA ALA A 44 29.49 -0.19 38.73
C ALA A 44 30.65 0.81 38.66
N LYS A 45 31.87 0.28 38.50
CA LYS A 45 33.11 1.08 38.44
C LYS A 45 33.59 1.22 37.02
N GLU A 46 33.61 0.10 36.30
CA GLU A 46 34.01 0.05 34.89
C GLU A 46 32.77 0.34 33.96
N PRO A 47 32.97 0.85 32.72
CA PRO A 47 31.88 0.85 31.72
C PRO A 47 31.38 -0.54 31.27
N GLU A 48 32.32 -1.44 30.97
CA GLU A 48 32.02 -2.83 30.67
C GLU A 48 31.23 -3.57 31.73
N GLU A 49 31.36 -3.16 32.99
CA GLU A 49 30.56 -3.69 34.07
C GLU A 49 29.12 -3.24 33.86
N LEU A 50 28.90 -1.93 33.70
CA LEU A 50 27.55 -1.34 33.51
C LEU A 50 26.88 -1.80 32.22
N TRP A 51 27.66 -1.90 31.16
CA TRP A 51 27.21 -2.47 29.91
C TRP A 51 26.57 -3.82 30.15
N ASN A 52 27.23 -4.63 30.97
CA ASN A 52 26.79 -5.98 31.26
C ASN A 52 25.55 -6.00 32.18
N GLU A 53 25.47 -5.06 33.13
CA GLU A 53 24.28 -4.86 33.95
C GLU A 53 23.03 -4.48 33.09
N LEU A 54 23.23 -3.58 32.13
CA LEU A 54 22.13 -3.11 31.30
C LEU A 54 21.71 -4.17 30.31
N LYS A 55 22.65 -4.96 29.80
CA LYS A 55 22.30 -6.12 28.99
C LYS A 55 21.32 -6.97 29.82
N VAL A 56 21.75 -7.39 31.00
CA VAL A 56 20.98 -8.26 31.85
C VAL A 56 19.66 -7.63 32.35
N ALA A 57 19.61 -6.33 32.61
CA ALA A 57 18.31 -5.66 32.92
C ALA A 57 17.32 -5.73 31.76
N SER A 58 17.88 -5.65 30.56
CA SER A 58 17.13 -5.64 29.36
C SER A 58 16.57 -7.04 29.08
N LYS A 59 17.34 -8.08 29.39
CA LYS A 59 16.90 -9.46 29.19
C LYS A 59 15.72 -9.76 30.10
N ILE A 60 15.82 -9.30 31.33
CA ILE A 60 14.78 -9.50 32.32
C ILE A 60 13.48 -8.78 31.92
N LEU A 61 13.61 -7.60 31.32
CA LEU A 61 12.45 -6.83 30.98
C LEU A 61 11.74 -7.34 29.71
N TYR A 62 12.51 -7.75 28.72
CA TYR A 62 12.00 -8.39 27.49
C TYR A 62 11.23 -9.68 27.76
N ASN A 63 11.73 -10.46 28.72
CA ASN A 63 11.16 -11.77 29.05
C ASN A 63 9.97 -11.66 30.05
N THR A 64 9.10 -10.65 29.88
CA THR A 64 7.94 -10.46 30.71
C THR A 64 6.65 -10.83 29.92
N ARG A 65 6.25 -10.02 28.93
CA ARG A 65 5.14 -10.32 28.05
C ARG A 65 5.56 -10.11 26.59
N PRO A 66 5.35 -11.11 25.73
CA PRO A 66 5.91 -11.14 24.40
C PRO A 66 5.19 -10.36 23.30
N THR A 67 3.91 -10.06 23.44
CA THR A 67 3.10 -9.72 22.27
C THR A 67 3.24 -8.26 21.81
N ALA A 68 3.13 -7.29 22.74
CA ALA A 68 3.31 -5.88 22.39
C ALA A 68 4.81 -5.62 22.17
N VAL A 69 5.20 -5.49 20.91
CA VAL A 69 6.53 -5.11 20.47
C VAL A 69 6.92 -3.69 20.95
N SER A 70 5.99 -2.88 21.46
CA SER A 70 6.38 -1.62 22.08
C SER A 70 7.52 -1.84 23.12
N LEU A 71 7.50 -2.98 23.81
CA LEU A 71 8.44 -3.30 24.85
C LEU A 71 9.88 -3.48 24.29
N PRO A 72 10.09 -4.49 23.46
CA PRO A 72 11.47 -4.54 22.93
C PRO A 72 11.90 -3.32 22.10
N ASN A 73 10.97 -2.51 21.58
CA ASN A 73 11.38 -1.34 20.80
C ASN A 73 11.84 -0.25 21.73
N ALA A 74 11.29 -0.21 22.93
CA ALA A 74 11.77 0.69 23.97
C ALA A 74 13.18 0.31 24.39
N LEU A 75 13.38 -0.98 24.56
CA LEU A 75 14.60 -1.54 25.05
C LEU A 75 15.66 -1.26 24.02
N ARG A 76 15.38 -1.63 22.77
CA ARG A 76 16.19 -1.29 21.60
C ARG A 76 16.61 0.17 21.47
N TYR A 77 15.67 1.07 21.72
CA TYR A 77 15.89 2.48 21.52
C TYR A 77 17.00 2.92 22.48
N VAL A 78 16.90 2.51 23.74
CA VAL A 78 17.94 2.79 24.74
C VAL A 78 19.23 2.05 24.36
N MET A 79 19.17 0.75 24.23
CA MET A 79 20.38 -0.06 24.06
C MET A 79 21.10 -0.04 22.70
N HIS A 80 20.48 0.43 21.62
CA HIS A 80 21.26 0.71 20.40
C HIS A 80 22.30 1.83 20.66
N ARG A 81 21.89 2.79 21.46
CA ARG A 81 22.62 3.95 21.79
C ARG A 81 23.63 3.61 22.90
N VAL A 82 23.24 2.77 23.86
CA VAL A 82 24.17 2.33 24.87
C VAL A 82 25.23 1.50 24.14
N LYS A 83 24.85 0.55 23.30
CA LYS A 83 25.83 -0.30 22.61
C LYS A 83 26.82 0.48 21.71
N ALA A 84 26.34 1.54 21.06
CA ALA A 84 27.20 2.34 20.21
C ALA A 84 28.24 3.16 21.03
N ALA A 85 27.78 3.76 22.13
CA ALA A 85 28.62 4.53 23.02
C ALA A 85 29.67 3.61 23.60
N TYR A 86 29.24 2.47 24.14
CA TYR A 86 30.17 1.51 24.73
C TYR A 86 31.19 1.06 23.72
N LEU A 87 30.76 0.52 22.59
CA LEU A 87 31.70 0.11 21.54
C LEU A 87 32.53 1.26 20.88
N GLY A 88 32.00 2.48 20.91
CA GLY A 88 32.76 3.65 20.50
C GLY A 88 33.90 4.01 21.44
N GLY A 89 33.87 3.46 22.66
CA GLY A 89 34.92 3.66 23.67
C GLY A 89 34.55 4.61 24.79
N ALA A 90 33.27 4.77 25.06
CA ALA A 90 32.83 5.64 26.13
C ALA A 90 33.25 5.09 27.48
N ASP A 91 33.66 6.01 28.34
CA ASP A 91 33.97 5.70 29.72
C ASP A 91 32.67 5.63 30.49
N LEU A 92 32.77 5.21 31.75
CA LEU A 92 31.64 5.05 32.66
C LEU A 92 30.55 6.10 32.58
N GLU A 93 30.92 7.36 32.76
CA GLU A 93 29.90 8.39 32.98
C GLU A 93 29.26 8.83 31.66
N THR A 94 30.02 8.71 30.61
CA THR A 94 29.55 8.83 29.24
C THR A 94 28.53 7.74 28.91
N LEU A 95 28.76 6.53 29.40
CA LEU A 95 27.85 5.41 29.17
C LEU A 95 26.59 5.56 30.02
N ARG A 96 26.79 5.92 31.27
CA ARG A 96 25.70 6.15 32.17
C ARG A 96 24.79 7.23 31.64
N PHE A 97 25.37 8.27 31.03
CA PHE A 97 24.52 9.36 30.58
C PHE A 97 23.77 8.92 29.31
N THR A 98 24.43 8.18 28.41
CA THR A 98 23.83 7.68 27.17
C THR A 98 22.56 6.88 27.47
N ALA A 99 22.64 5.93 28.42
CA ALA A 99 21.47 5.10 28.84
C ALA A 99 20.41 5.93 29.49
N ILE A 100 20.78 6.75 30.48
CA ILE A 100 19.82 7.60 31.21
C ILE A 100 19.04 8.50 30.27
N ASN A 101 19.70 8.94 29.20
CA ASN A 101 19.20 10.02 28.38
C ASN A 101 18.37 9.53 27.21
N SER A 102 18.89 8.55 26.47
CA SER A 102 18.13 7.72 25.62
C SER A 102 16.79 7.25 26.25
N ALA A 103 16.79 6.77 27.48
CA ALA A 103 15.50 6.40 28.11
C ALA A 103 14.60 7.58 28.44
N LYS A 104 15.17 8.73 28.80
CA LYS A 104 14.35 9.94 28.98
C LYS A 104 13.77 10.38 27.62
N GLU A 105 14.57 10.20 26.54
CA GLU A 105 14.21 10.60 25.18
C GLU A 105 12.94 9.82 24.78
N PHE A 106 13.04 8.47 24.73
CA PHE A 106 11.93 7.56 24.44
C PHE A 106 10.68 7.83 25.22
N ILE A 107 10.82 8.09 26.51
CA ILE A 107 9.66 8.39 27.36
C ILE A 107 8.93 9.63 26.93
N TYR A 108 9.69 10.71 26.71
CA TYR A 108 9.12 12.01 26.32
C TYR A 108 8.43 11.90 24.95
N ASN A 109 9.11 11.25 24.02
CA ASN A 109 8.62 10.98 22.67
C ASN A 109 7.37 10.12 22.61
N SER A 110 7.26 9.14 23.52
CA SER A 110 6.07 8.36 23.63
C SER A 110 4.93 9.27 24.10
N GLU A 111 5.15 10.03 25.17
CA GLU A 111 4.18 11.03 25.64
C GLU A 111 3.72 11.99 24.54
N LYS A 112 4.66 12.44 23.69
CA LYS A 112 4.36 13.46 22.68
C LYS A 112 3.61 12.84 21.51
N ALA A 113 4.05 11.66 21.14
CA ALA A 113 3.41 10.86 20.10
C ALA A 113 1.90 10.63 20.34
N ILE A 114 1.52 10.42 21.60
CA ILE A 114 0.14 10.14 21.99
C ILE A 114 -0.65 11.43 21.92
N GLU A 115 -0.13 12.55 22.39
CA GLU A 115 -0.90 13.82 22.31
C GLU A 115 -1.23 14.12 20.84
N ARG A 116 -0.21 13.91 20.03
CA ARG A 116 -0.22 14.13 18.60
C ARG A 116 -1.16 13.17 17.84
N ILE A 117 -1.12 11.90 18.18
CA ILE A 117 -2.11 10.96 17.71
C ILE A 117 -3.53 11.42 18.03
N GLY A 118 -3.73 11.93 19.22
CA GLY A 118 -5.02 12.47 19.56
C GLY A 118 -5.50 13.62 18.68
N GLU A 119 -4.60 14.51 18.31
CA GLU A 119 -4.96 15.70 17.52
C GLU A 119 -5.25 15.32 16.09
N ILE A 120 -4.46 14.38 15.60
CA ILE A 120 -4.59 13.94 14.23
C ILE A 120 -5.89 13.18 14.07
N GLY A 121 -6.10 12.21 14.96
CA GLY A 121 -7.23 11.35 14.94
C GLY A 121 -8.54 12.04 15.17
N ALA A 122 -8.52 13.09 15.95
CA ALA A 122 -9.78 13.72 16.31
C ALA A 122 -10.38 14.45 15.13
N LYS A 123 -9.57 14.79 14.12
CA LYS A 123 -10.14 15.38 12.88
C LYS A 123 -11.02 14.44 12.06
N ARG A 124 -10.84 13.15 12.30
CA ARG A 124 -11.66 12.12 11.72
C ARG A 124 -12.94 11.80 12.49
N ILE A 125 -13.11 12.45 13.63
CA ILE A 125 -14.28 12.33 14.44
C ILE A 125 -15.11 13.53 14.13
N GLU A 126 -16.41 13.30 13.92
CA GLU A 126 -17.35 14.38 13.60
C GLU A 126 -18.37 14.58 14.70
N ASP A 127 -18.89 15.76 14.73
CA ASP A 127 -19.81 16.15 15.76
C ASP A 127 -20.99 15.17 15.72
N GLY A 128 -21.44 14.75 16.88
CA GLY A 128 -22.58 13.78 16.98
C GLY A 128 -22.20 12.30 16.93
N ASP A 129 -20.90 12.01 16.72
CA ASP A 129 -20.43 10.66 16.52
C ASP A 129 -20.62 9.82 17.77
N ILE A 130 -21.08 8.60 17.54
CA ILE A 130 -21.07 7.57 18.54
C ILE A 130 -19.88 6.75 18.18
N ILE A 131 -18.89 6.63 19.09
CA ILE A 131 -17.66 5.87 18.77
C ILE A 131 -17.64 4.62 19.56
N MET A 132 -17.36 3.47 18.93
CA MET A 132 -17.18 2.27 19.72
C MET A 132 -15.70 1.99 19.86
N THR A 133 -15.29 1.66 21.09
CA THR A 133 -13.90 1.31 21.37
C THR A 133 -13.86 -0.05 22.04
N HIS A 134 -12.64 -0.56 22.27
CA HIS A 134 -12.39 -1.88 22.91
C HIS A 134 -11.14 -1.77 23.77
N CYS A 135 -11.09 -2.58 24.85
CA CYS A 135 -9.99 -2.57 25.82
C CYS A 135 -9.75 -1.17 26.39
N HIS A 136 -8.53 -0.85 26.77
CA HIS A 136 -8.17 0.45 27.27
C HIS A 136 -6.84 0.80 26.61
N SER A 137 -6.89 1.79 25.74
CA SER A 137 -5.77 2.18 24.90
C SER A 137 -5.72 3.67 25.06
N LYS A 138 -4.55 4.10 25.53
CA LYS A 138 -4.23 5.51 25.70
C LYS A 138 -4.29 6.23 24.36
N ALA A 139 -3.72 5.62 23.33
CA ALA A 139 -3.75 6.23 22.00
C ALA A 139 -5.19 6.50 21.60
N ALA A 140 -6.05 5.44 21.61
CA ALA A 140 -7.48 5.60 21.28
C ALA A 140 -8.17 6.65 22.13
N ILE A 141 -7.87 6.66 23.41
CA ILE A 141 -8.49 7.63 24.33
C ILE A 141 -8.05 9.09 24.07
N SER A 142 -6.80 9.27 23.63
CA SER A 142 -6.33 10.63 23.22
C SER A 142 -7.27 11.22 22.12
N VAL A 143 -7.57 10.40 21.13
CA VAL A 143 -8.44 10.77 20.00
C VAL A 143 -9.81 11.20 20.46
N MET A 144 -10.40 10.36 21.29
CA MET A 144 -11.74 10.63 21.83
C MET A 144 -11.74 11.83 22.73
N LYS A 145 -10.72 11.95 23.58
CA LYS A 145 -10.60 13.10 24.48
C LYS A 145 -10.48 14.38 23.69
N LYS A 146 -9.56 14.40 22.73
CA LYS A 146 -9.36 15.61 21.93
C LYS A 146 -10.66 15.98 21.20
N ALA A 147 -11.30 14.98 20.60
CA ALA A 147 -12.53 15.25 19.89
C ALA A 147 -13.54 15.92 20.80
N PHE A 148 -13.63 15.48 22.06
CA PHE A 148 -14.55 16.08 23.00
C PHE A 148 -14.18 17.51 23.40
N GLU A 149 -12.87 17.78 23.57
CA GLU A 149 -12.37 19.10 23.87
C GLU A 149 -12.62 20.10 22.76
N GLN A 150 -12.63 19.61 21.52
CA GLN A 150 -13.07 20.44 20.38
C GLN A 150 -14.55 20.76 20.35
N GLY A 151 -15.37 20.27 21.29
CA GLY A 151 -16.83 20.63 21.36
C GLY A 151 -17.66 19.74 20.44
N LYS A 152 -17.09 18.62 20.00
CA LYS A 152 -17.83 17.61 19.26
C LYS A 152 -18.58 16.80 20.29
N ASN A 153 -19.89 16.68 20.13
CA ASN A 153 -20.74 16.13 21.15
C ASN A 153 -20.79 14.67 20.83
N ILE A 154 -19.95 13.89 21.49
CA ILE A 154 -19.77 12.48 21.16
C ILE A 154 -20.26 11.58 22.29
N LYS A 155 -20.36 10.30 21.99
CA LYS A 155 -20.63 9.28 22.98
C LYS A 155 -19.75 8.08 22.65
N VAL A 156 -19.24 7.41 23.67
CA VAL A 156 -18.47 6.22 23.44
C VAL A 156 -19.15 4.96 24.01
N ILE A 157 -19.12 3.94 23.17
CA ILE A 157 -19.60 2.61 23.52
C ILE A 157 -18.35 1.88 23.94
N VAL A 158 -18.29 1.51 25.20
CA VAL A 158 -17.14 0.87 25.80
C VAL A 158 -17.50 -0.55 25.98
N THR A 159 -16.74 -1.45 25.36
CA THR A 159 -16.94 -2.84 25.57
C THR A 159 -16.14 -3.29 26.81
N GLU A 160 -16.76 -4.12 27.64
CA GLU A 160 -16.16 -4.47 28.92
C GLU A 160 -14.78 -5.13 28.82
N THR A 161 -14.54 -5.85 27.74
CA THR A 161 -13.25 -6.45 27.47
C THR A 161 -12.89 -7.50 28.52
N ARG A 162 -13.53 -8.62 28.37
CA ARG A 162 -13.21 -9.81 29.09
C ARG A 162 -11.87 -10.31 28.61
N PRO A 163 -11.12 -11.08 29.40
CA PRO A 163 -11.49 -11.45 30.74
C PRO A 163 -11.11 -10.43 31.82
N LYS A 164 -10.18 -9.52 31.53
CA LYS A 164 -9.56 -8.74 32.61
C LYS A 164 -10.22 -7.43 32.83
N TRP A 165 -11.33 -7.15 32.16
CA TRP A 165 -12.20 -5.96 32.48
C TRP A 165 -11.62 -4.58 32.15
N GLN A 166 -10.75 -4.50 31.14
CA GLN A 166 -10.08 -3.24 30.84
C GLN A 166 -11.09 -2.16 30.45
N GLY A 167 -12.23 -2.60 29.92
CA GLY A 167 -13.34 -1.73 29.67
C GLY A 167 -13.79 -0.90 30.84
N LYS A 168 -13.62 -1.39 32.07
CA LYS A 168 -14.03 -0.59 33.28
C LYS A 168 -13.14 0.64 33.49
N ILE A 169 -11.88 0.47 33.17
CA ILE A 169 -10.90 1.55 33.24
C ILE A 169 -11.30 2.59 32.22
N THR A 170 -11.50 2.13 30.99
CA THR A 170 -11.92 3.01 29.89
C THR A 170 -13.17 3.80 30.21
N ALA A 171 -14.15 3.11 30.77
CA ALA A 171 -15.44 3.74 31.02
C ALA A 171 -15.35 4.86 32.09
N LYS A 172 -14.67 4.58 33.18
CA LYS A 172 -14.45 5.62 34.22
C LYS A 172 -13.56 6.78 33.77
N GLU A 173 -12.50 6.49 33.04
CA GLU A 173 -11.61 7.55 32.51
C GLU A 173 -12.35 8.52 31.58
N LEU A 174 -12.99 8.02 30.53
CA LEU A 174 -13.81 8.87 29.62
C LEU A 174 -14.91 9.65 30.35
N ALA A 175 -15.65 8.99 31.24
CA ALA A 175 -16.71 9.65 32.00
C ALA A 175 -16.13 10.74 32.86
N SER A 176 -14.97 10.49 33.48
CA SER A 176 -14.31 11.51 34.30
C SER A 176 -13.92 12.77 33.48
N TYR A 177 -13.51 12.62 32.21
CA TYR A 177 -13.33 13.81 31.29
C TYR A 177 -14.65 14.47 30.82
N GLY A 178 -15.82 13.95 31.19
CA GLY A 178 -17.13 14.51 30.77
C GLY A 178 -17.82 13.78 29.60
N ILE A 179 -17.25 12.69 29.12
CA ILE A 179 -17.73 12.08 27.90
C ILE A 179 -18.82 11.10 28.29
N PRO A 180 -20.01 11.24 27.71
CA PRO A 180 -21.05 10.21 27.85
C PRO A 180 -20.60 8.83 27.38
N VAL A 181 -20.85 7.82 28.22
CA VAL A 181 -20.44 6.45 27.94
C VAL A 181 -21.62 5.50 27.96
N ILE A 182 -21.56 4.51 27.09
CA ILE A 182 -22.51 3.39 27.03
C ILE A 182 -21.68 2.17 27.22
N TYR A 183 -21.90 1.41 28.30
CA TYR A 183 -21.13 0.20 28.57
C TYR A 183 -21.93 -1.04 28.25
N ILE A 184 -21.31 -1.96 27.49
CA ILE A 184 -21.94 -3.16 27.02
C ILE A 184 -21.00 -4.32 27.11
N VAL A 185 -21.55 -5.52 27.05
CA VAL A 185 -20.68 -6.72 26.96
C VAL A 185 -20.04 -6.85 25.59
N ASP A 186 -18.96 -7.62 25.46
CA ASP A 186 -18.28 -7.76 24.19
C ASP A 186 -19.24 -8.30 23.12
N SER A 187 -20.08 -9.25 23.53
CA SER A 187 -21.09 -9.93 22.69
C SER A 187 -22.08 -9.00 22.05
N ALA A 188 -22.30 -7.81 22.62
CA ALA A 188 -23.26 -6.84 22.07
C ALA A 188 -22.70 -5.93 20.97
N ALA A 189 -21.51 -6.24 20.43
CA ALA A 189 -20.84 -5.36 19.47
C ALA A 189 -21.56 -5.30 18.13
N ARG A 190 -22.05 -6.43 17.62
CA ARG A 190 -22.82 -6.37 16.36
C ARG A 190 -24.20 -5.75 16.55
N HIS A 191 -24.81 -6.04 17.68
CA HIS A 191 -26.10 -5.53 17.99
C HIS A 191 -26.05 -4.02 17.96
N TYR A 192 -24.99 -3.44 18.48
CA TYR A 192 -24.88 -1.97 18.51
C TYR A 192 -23.98 -1.38 17.40
N MET A 193 -23.52 -2.16 16.42
CA MET A 193 -22.72 -1.59 15.33
C MET A 193 -23.55 -0.70 14.46
N LYS A 194 -24.88 -0.96 14.34
CA LYS A 194 -25.78 -0.14 13.48
C LYS A 194 -25.87 1.33 13.93
N MET A 195 -25.93 1.57 15.25
CA MET A 195 -25.95 2.91 15.78
C MET A 195 -24.55 3.55 15.89
N THR A 196 -23.48 2.77 15.66
CA THR A 196 -22.10 3.24 15.75
C THR A 196 -21.60 3.92 14.43
N ASP A 197 -20.97 5.09 14.55
CA ASP A 197 -20.41 5.84 13.40
C ASP A 197 -18.93 5.58 13.15
N LYS A 198 -18.18 5.34 14.22
CA LYS A 198 -16.71 5.20 14.13
C LYS A 198 -16.26 4.21 15.17
N VAL A 199 -15.30 3.36 14.80
CA VAL A 199 -14.61 2.57 15.75
C VAL A 199 -13.13 3.05 15.84
N VAL A 200 -12.67 3.25 17.07
CA VAL A 200 -11.32 3.66 17.45
C VAL A 200 -10.72 2.68 18.50
N MET A 201 -9.70 1.94 18.13
CA MET A 201 -9.00 1.02 19.02
C MET A 201 -7.48 1.28 18.93
N GLY A 202 -6.73 0.67 19.86
CA GLY A 202 -5.26 0.77 19.84
C GLY A 202 -4.63 -0.42 19.22
N ALA A 203 -3.31 -0.59 19.43
CA ALA A 203 -2.57 -1.75 18.96
C ALA A 203 -1.39 -2.12 19.86
N ASP A 204 -1.06 -3.40 19.87
CA ASP A 204 0.14 -3.87 20.56
C ASP A 204 1.26 -4.13 19.63
N SER A 205 0.94 -4.66 18.46
CA SER A 205 1.91 -4.87 17.41
C SER A 205 1.24 -4.70 16.05
N ILE A 206 1.93 -4.08 15.10
CA ILE A 206 1.44 -3.97 13.73
C ILE A 206 2.45 -4.60 12.77
N THR A 207 1.96 -5.46 11.88
CA THR A 207 2.85 -6.26 11.07
C THR A 207 3.17 -5.57 9.77
N ALA A 208 4.11 -6.12 9.07
CA ALA A 208 4.68 -5.53 7.88
C ALA A 208 3.64 -5.43 6.79
N ASN A 209 2.74 -6.43 6.72
CA ASN A 209 1.64 -6.44 5.78
C ASN A 209 0.42 -5.70 6.25
N GLY A 210 0.51 -5.04 7.40
CA GLY A 210 -0.60 -4.26 7.91
C GLY A 210 -1.59 -4.93 8.89
N ALA A 211 -1.34 -6.18 9.29
CA ALA A 211 -2.23 -6.82 10.28
C ALA A 211 -2.08 -6.15 11.61
N VAL A 212 -3.14 -6.10 12.39
CA VAL A 212 -3.12 -5.47 13.76
C VAL A 212 -3.43 -6.50 14.87
N ILE A 213 -2.43 -6.69 15.76
CA ILE A 213 -2.52 -7.56 16.92
C ILE A 213 -2.86 -6.58 17.99
N ASN A 214 -4.03 -6.81 18.61
CA ASN A 214 -4.54 -6.00 19.72
C ASN A 214 -5.41 -6.92 20.59
N LYS A 215 -6.01 -6.39 21.64
CA LYS A 215 -6.73 -7.19 22.64
C LYS A 215 -7.77 -8.13 22.07
N ILE A 216 -7.77 -9.35 22.58
CA ILE A 216 -8.73 -10.40 22.14
C ILE A 216 -10.12 -9.79 21.99
N GLY A 217 -10.75 -10.07 20.85
CA GLY A 217 -12.03 -9.47 20.50
C GLY A 217 -11.93 -8.38 19.45
N THR A 218 -10.73 -7.85 19.22
CA THR A 218 -10.55 -6.67 18.40
C THR A 218 -10.98 -7.04 16.97
N SER A 219 -10.55 -8.20 16.50
CA SER A 219 -10.80 -8.67 15.17
C SER A 219 -12.28 -8.95 14.89
N LEU A 220 -13.05 -9.21 15.94
CA LEU A 220 -14.49 -9.39 15.79
C LEU A 220 -15.16 -8.08 15.57
N ILE A 221 -14.79 -7.09 16.38
CA ILE A 221 -15.39 -5.78 16.29
C ILE A 221 -15.08 -5.23 14.89
N ALA A 222 -13.87 -5.46 14.43
CA ALA A 222 -13.46 -4.99 13.14
C ALA A 222 -14.21 -5.68 11.97
N LEU A 223 -14.43 -6.97 12.10
CA LEU A 223 -15.24 -7.75 11.16
C LEU A 223 -16.62 -7.14 10.94
N THR A 224 -17.33 -6.91 12.04
CA THR A 224 -18.68 -6.43 11.95
C THR A 224 -18.74 -4.95 11.61
N ALA A 225 -17.75 -4.18 12.02
CA ALA A 225 -17.56 -2.79 11.49
C ALA A 225 -17.46 -2.75 9.94
N LYS A 226 -16.72 -3.70 9.38
CA LYS A 226 -16.62 -3.76 7.93
C LYS A 226 -17.98 -4.13 7.25
N GLU A 227 -18.55 -5.25 7.70
CA GLU A 227 -19.94 -5.58 7.43
C GLU A 227 -20.91 -4.39 7.34
N HIS A 228 -20.79 -3.38 8.23
CA HIS A 228 -21.68 -2.25 8.34
C HIS A 228 -21.15 -0.92 7.78
N ARG A 229 -19.98 -0.97 7.17
CA ARG A 229 -19.20 0.19 6.76
C ARG A 229 -18.94 1.23 7.84
N VAL A 230 -18.64 0.80 9.03
CA VAL A 230 -18.14 1.69 10.08
C VAL A 230 -16.62 1.68 10.00
N TRP A 231 -16.04 2.89 9.93
CA TRP A 231 -14.59 3.05 9.75
C TRP A 231 -13.91 2.43 10.96
N VAL A 232 -12.97 1.54 10.71
CA VAL A 232 -12.13 1.11 11.82
C VAL A 232 -10.84 1.95 11.82
N MET A 233 -10.64 2.75 12.85
CA MET A 233 -9.42 3.56 13.00
C MET A 233 -8.56 3.08 14.18
N ILE A 234 -7.34 2.66 13.89
CA ILE A 234 -6.40 2.13 14.87
C ILE A 234 -5.41 3.25 15.19
N ALA A 235 -5.41 3.67 16.44
CA ALA A 235 -4.53 4.71 16.94
C ALA A 235 -3.24 4.09 17.53
N ALA A 236 -2.09 4.41 16.93
CA ALA A 236 -0.88 3.63 17.20
C ALA A 236 0.46 4.34 16.82
N GLU A 237 1.22 4.62 17.88
CA GLU A 237 2.61 5.08 17.80
C GLU A 237 3.45 4.22 16.86
N THR A 238 4.48 4.82 16.24
CA THR A 238 5.40 4.08 15.35
C THR A 238 6.10 2.94 16.03
N TYR A 239 6.31 3.10 17.32
CA TYR A 239 6.99 2.01 18.05
C TYR A 239 6.00 0.82 18.35
N LYS A 240 4.75 0.85 17.82
CA LYS A 240 3.89 -0.33 17.84
C LYS A 240 4.15 -1.22 16.68
N PHE A 241 4.94 -0.75 15.70
CA PHE A 241 5.15 -1.50 14.49
C PHE A 241 6.25 -2.51 14.71
N HIS A 242 6.13 -3.69 14.07
CA HIS A 242 6.89 -4.86 14.41
C HIS A 242 8.02 -5.18 13.42
N PRO A 243 9.26 -4.80 13.79
CA PRO A 243 10.37 -4.96 12.89
C PRO A 243 10.51 -6.33 12.32
N ALA A 244 10.40 -7.36 13.12
CA ALA A 244 10.84 -8.69 12.69
C ALA A 244 9.85 -9.41 11.77
N THR A 245 8.60 -8.94 11.73
CA THR A 245 7.62 -9.38 10.71
C THR A 245 8.10 -9.03 9.32
N MET A 246 8.95 -7.99 9.16
CA MET A 246 9.66 -7.78 7.86
C MET A 246 10.39 -8.99 7.31
N LEU A 247 10.88 -9.88 8.16
CA LEU A 247 11.65 -11.03 7.67
C LEU A 247 10.97 -12.37 7.97
N GLY A 248 9.67 -12.31 8.21
CA GLY A 248 8.84 -13.49 8.11
C GLY A 248 8.26 -13.91 9.42
N GLN A 249 8.69 -13.26 10.49
CA GLN A 249 8.30 -13.72 11.81
C GLN A 249 6.79 -13.47 12.08
N LEU A 250 6.15 -14.43 12.76
CA LEU A 250 4.77 -14.30 13.19
C LEU A 250 4.84 -13.75 14.54
N VAL A 251 3.91 -12.88 14.91
CA VAL A 251 3.89 -12.35 16.26
C VAL A 251 3.41 -13.48 17.17
N GLU A 252 4.11 -13.78 18.27
CA GLU A 252 3.57 -14.66 19.34
C GLU A 252 2.28 -14.10 20.02
N ILE A 253 1.25 -14.93 20.14
CA ILE A 253 0.06 -14.52 20.95
C ILE A 253 0.15 -15.05 22.38
N GLU A 254 0.07 -14.15 23.35
CA GLU A 254 0.29 -14.50 24.74
C GLU A 254 -0.91 -15.27 25.28
N MET A 255 -0.64 -16.45 25.87
CA MET A 255 -1.64 -17.29 26.52
C MET A 255 -1.54 -17.07 28.02
N ARG A 256 -2.53 -16.41 28.61
CA ARG A 256 -2.48 -16.06 30.01
C ARG A 256 -3.25 -17.09 30.85
N ASP A 257 -3.09 -17.01 32.17
CA ASP A 257 -3.53 -18.07 33.07
C ASP A 257 -5.07 -18.29 33.02
N PRO A 258 -5.51 -19.56 32.96
CA PRO A 258 -6.94 -19.88 33.02
C PRO A 258 -7.72 -19.19 34.14
N THR A 259 -7.09 -18.90 35.26
CA THR A 259 -7.76 -18.32 36.41
C THR A 259 -8.28 -16.93 36.20
N GLU A 260 -7.72 -16.23 35.22
CA GLU A 260 -8.26 -14.91 34.79
C GLU A 260 -9.69 -14.98 34.26
N VAL A 261 -10.00 -16.12 33.61
CA VAL A 261 -11.35 -16.41 33.08
C VAL A 261 -12.34 -17.02 34.15
N ILE A 262 -11.89 -18.13 34.75
CA ILE A 262 -12.58 -18.80 35.84
C ILE A 262 -11.73 -18.68 37.13
N PRO A 263 -12.24 -17.99 38.17
CA PRO A 263 -11.40 -17.87 39.41
C PRO A 263 -10.97 -19.22 39.98
N GLU A 264 -9.76 -19.25 40.54
CA GLU A 264 -9.18 -20.47 41.16
C GLU A 264 -10.18 -21.25 42.01
N GLU A 265 -10.93 -20.53 42.85
CA GLU A 265 -11.90 -21.17 43.79
C GLU A 265 -12.95 -22.00 43.09
N GLU A 266 -13.27 -21.59 41.86
CA GLU A 266 -14.27 -22.29 41.05
C GLU A 266 -13.59 -23.29 40.08
N LEU A 267 -12.46 -22.90 39.50
CA LEU A 267 -11.85 -23.72 38.47
C LEU A 267 -11.36 -25.09 39.00
N ARG A 268 -10.89 -25.10 40.24
CA ARG A 268 -10.45 -26.36 40.87
C ARG A 268 -11.57 -27.38 41.01
N THR A 269 -12.81 -26.92 41.16
CA THR A 269 -14.01 -27.77 41.19
C THR A 269 -14.50 -28.30 39.85
N TRP A 270 -13.94 -27.86 38.72
CA TRP A 270 -14.42 -28.26 37.38
C TRP A 270 -13.75 -29.56 36.91
N PRO A 271 -14.44 -30.32 36.05
CA PRO A 271 -13.91 -31.53 35.49
C PRO A 271 -12.64 -31.34 34.73
N LYS A 272 -11.87 -32.40 34.71
CA LYS A 272 -10.55 -32.43 34.05
C LYS A 272 -10.63 -32.20 32.53
N ASN A 273 -11.72 -32.68 31.91
CA ASN A 273 -11.91 -32.63 30.47
CA ASN A 273 -12.01 -32.64 30.46
C ASN A 273 -12.25 -31.22 29.92
N ILE A 274 -12.43 -30.22 30.78
CA ILE A 274 -12.56 -28.81 30.39
C ILE A 274 -11.19 -28.13 30.47
N GLU A 275 -10.65 -27.66 29.34
CA GLU A 275 -9.46 -26.82 29.30
C GLU A 275 -9.96 -25.38 29.11
N VAL A 276 -9.53 -24.45 29.94
CA VAL A 276 -9.79 -23.03 29.74
C VAL A 276 -8.61 -22.43 28.91
N TRP A 277 -8.92 -21.76 27.79
CA TRP A 277 -7.91 -21.12 26.89
C TRP A 277 -8.10 -19.64 26.92
N ASN A 278 -7.02 -18.88 27.15
CA ASN A 278 -7.12 -17.43 27.38
C ASN A 278 -6.06 -16.69 26.56
N PRO A 279 -6.27 -16.57 25.23
CA PRO A 279 -5.40 -15.66 24.42
C PRO A 279 -5.65 -14.26 24.84
N ALA A 280 -4.58 -13.49 25.06
CA ALA A 280 -4.73 -12.13 25.43
C ALA A 280 -4.95 -11.18 24.22
N PHE A 281 -4.71 -11.67 23.01
CA PHE A 281 -4.80 -10.85 21.82
C PHE A 281 -5.33 -11.66 20.64
N ASP A 282 -5.87 -10.98 19.63
CA ASP A 282 -6.08 -11.58 18.34
C ASP A 282 -5.55 -10.68 17.22
N VAL A 283 -5.62 -11.21 16.00
CA VAL A 283 -5.11 -10.55 14.82
C VAL A 283 -6.17 -10.23 13.77
N THR A 284 -6.34 -8.95 13.54
CA THR A 284 -7.17 -8.32 12.54
C THR A 284 -6.46 -8.08 11.23
N PRO A 285 -7.03 -8.56 10.14
CA PRO A 285 -6.44 -8.35 8.86
C PRO A 285 -6.57 -6.93 8.31
N PRO A 286 -5.58 -6.49 7.50
CA PRO A 286 -5.50 -5.10 7.03
C PRO A 286 -6.79 -4.60 6.31
N GLU A 287 -7.41 -5.51 5.55
CA GLU A 287 -8.69 -5.20 4.84
C GLU A 287 -9.79 -4.68 5.71
N TYR A 288 -9.73 -4.88 7.03
CA TYR A 288 -10.76 -4.36 7.92
C TYR A 288 -10.37 -3.12 8.64
N ILE A 289 -9.20 -2.60 8.31
CA ILE A 289 -8.73 -1.34 8.89
C ILE A 289 -8.87 -0.22 7.87
N ASP A 290 -9.46 0.90 8.31
CA ASP A 290 -9.61 2.06 7.42
C ASP A 290 -8.30 2.87 7.39
N VAL A 291 -7.87 3.33 8.57
CA VAL A 291 -6.61 4.02 8.76
C VAL A 291 -5.88 3.61 10.07
N ILE A 292 -4.56 3.73 10.00
CA ILE A 292 -3.70 3.70 11.18
C ILE A 292 -3.28 5.12 11.39
N ILE A 293 -3.63 5.68 12.55
CA ILE A 293 -3.25 7.00 12.95
C ILE A 293 -1.97 6.87 13.79
N THR A 294 -0.78 7.10 13.18
CA THR A 294 0.48 7.33 13.90
C THR A 294 0.73 8.79 14.26
N GLU A 295 1.80 9.06 15.02
CA GLU A 295 2.20 10.44 15.34
C GLU A 295 2.76 11.19 14.10
N ARG A 296 3.12 10.42 13.09
CA ARG A 296 3.50 10.97 11.80
C ARG A 296 2.38 11.12 10.78
N GLY A 297 1.13 10.79 11.15
CA GLY A 297 -0.01 10.97 10.29
C GLY A 297 -0.87 9.74 9.99
N ILE A 298 -1.88 9.98 9.17
CA ILE A 298 -2.81 8.99 8.71
C ILE A 298 -2.15 8.17 7.65
N ILE A 299 -2.10 6.85 7.82
CA ILE A 299 -1.69 5.94 6.76
C ILE A 299 -2.74 4.86 6.51
N PRO A 300 -2.75 4.30 5.31
CA PRO A 300 -3.53 3.10 5.16
C PRO A 300 -2.81 1.96 5.84
N PRO A 301 -3.54 0.92 6.28
CA PRO A 301 -2.87 -0.17 6.96
C PRO A 301 -1.69 -0.78 6.20
N TYR A 302 -1.78 -0.82 4.90
CA TYR A 302 -0.68 -1.41 4.06
C TYR A 302 0.64 -0.65 3.97
N ALA A 303 0.64 0.57 4.45
CA ALA A 303 1.84 1.41 4.54
C ALA A 303 2.67 1.14 5.81
N ALA A 304 2.20 0.22 6.66
CA ALA A 304 3.00 -0.26 7.77
C ALA A 304 4.44 -0.67 7.32
N ILE A 305 4.57 -1.30 6.16
CA ILE A 305 5.89 -1.65 5.65
C ILE A 305 6.83 -0.41 5.49
N ASP A 306 6.26 0.75 5.17
CA ASP A 306 7.01 1.97 4.90
C ASP A 306 7.52 2.57 6.21
N ILE A 307 6.65 2.62 7.22
CA ILE A 307 6.99 3.03 8.57
C ILE A 307 8.14 2.17 9.12
N LEU A 308 8.15 0.89 8.79
CA LEU A 308 9.11 -0.07 9.27
C LEU A 308 10.38 0.05 8.48
N LYS A 309 10.25 0.14 7.14
CA LYS A 309 11.39 0.23 6.25
C LYS A 309 12.23 1.41 6.68
N GLU A 310 11.58 2.54 6.97
CA GLU A 310 12.33 3.78 7.27
C GLU A 310 12.79 4.01 8.72
N GLU A 311 12.14 3.41 9.71
CA GLU A 311 12.55 3.53 11.12
C GLU A 311 13.37 2.37 11.71
N PHE A 312 13.21 1.17 11.19
CA PHE A 312 13.58 -0.07 11.89
C PHE A 312 14.32 -1.06 10.98
N GLY A 313 14.22 -0.89 9.66
CA GLY A 313 14.77 -1.85 8.71
C GLY A 313 16.23 -2.12 8.95
N TRP A 314 17.00 -1.02 9.07
CA TRP A 314 18.48 -1.05 9.26
C TRP A 314 19.02 -2.04 10.31
N ALA A 315 18.31 -2.17 11.44
CA ALA A 315 18.73 -3.03 12.58
C ALA A 315 18.52 -4.56 12.42
N LEU A 316 17.91 -5.01 11.33
CA LEU A 316 17.58 -6.44 11.14
C LEU A 316 18.73 -7.33 10.71
N LYS A 317 19.73 -6.75 10.02
CA LYS A 317 21.03 -7.42 9.86
C LYS A 317 21.84 -7.60 11.18
N TYR A 318 21.63 -6.75 12.20
CA TYR A 318 22.30 -6.93 13.53
C TYR A 318 21.58 -7.85 14.53
N LYS A 319 22.34 -8.23 15.54
CA LYS A 319 21.82 -8.91 16.73
C LYS A 319 21.01 -7.90 17.58
N GLU A 320 20.20 -8.39 18.51
CA GLU A 320 19.55 -7.48 19.47
C GLU A 320 20.66 -6.73 20.22
N PRO A 321 20.49 -5.42 20.48
CA PRO A 321 21.53 -4.69 21.16
C PRO A 321 21.73 -5.03 22.67
N TRP A 322 21.19 -6.16 23.13
CA TRP A 322 21.38 -6.56 24.53
C TRP A 322 21.99 -7.95 24.64
N GLU A 323 22.34 -8.62 23.53
CA GLU A 323 22.80 -10.01 23.58
C GLU A 323 24.24 -10.20 23.08
N ASP A 324 24.71 -11.44 23.27
CA ASP A 324 26.11 -11.82 23.02
C ASP A 324 26.22 -12.51 21.67
N ALA B 3 -5.41 45.03 -1.04
CA ALA B 3 -6.73 45.72 -1.20
C ALA B 3 -7.16 45.96 -2.68
N MET B 4 -6.20 46.04 -3.62
CA MET B 4 -6.44 46.50 -5.02
C MET B 4 -6.47 45.39 -6.08
N ILE B 5 -7.63 44.78 -6.26
CA ILE B 5 -7.68 43.49 -6.92
C ILE B 5 -8.21 43.61 -8.35
N VAL B 6 -7.52 43.02 -9.32
CA VAL B 6 -7.95 43.14 -10.73
C VAL B 6 -9.32 42.48 -10.95
N LYS B 7 -10.03 42.94 -11.96
CA LYS B 7 -11.35 42.41 -12.26
C LYS B 7 -11.26 40.93 -12.59
N GLU B 8 -10.16 40.48 -13.19
CA GLU B 8 -10.01 39.07 -13.58
C GLU B 8 -10.04 38.08 -12.39
N VAL B 9 -9.53 38.51 -11.25
CA VAL B 9 -9.53 37.67 -10.06
C VAL B 9 -10.99 37.43 -9.66
N TYR B 10 -11.74 38.52 -9.44
CA TYR B 10 -13.18 38.47 -9.09
C TYR B 10 -14.03 37.69 -10.08
N GLU B 11 -13.71 37.85 -11.37
CA GLU B 11 -14.48 37.24 -12.45
C GLU B 11 -14.18 35.74 -12.46
N THR B 12 -12.93 35.37 -12.28
CA THR B 12 -12.58 33.98 -12.17
C THR B 12 -13.32 33.34 -10.98
N ALA B 13 -13.36 34.06 -9.87
CA ALA B 13 -14.05 33.61 -8.68
C ALA B 13 -15.55 33.35 -8.87
N GLU B 14 -16.26 34.32 -9.47
CA GLU B 14 -17.69 34.20 -9.84
C GLU B 14 -17.92 33.00 -10.73
N LYS B 15 -17.05 32.81 -11.72
CA LYS B 15 -17.18 31.74 -12.68
C LYS B 15 -16.91 30.33 -12.13
N ILE B 16 -16.06 30.25 -11.11
CA ILE B 16 -15.80 28.99 -10.41
C ILE B 16 -17.02 28.60 -9.57
N LYS B 17 -17.49 29.53 -8.75
CA LYS B 17 -18.72 29.37 -7.94
C LYS B 17 -19.93 28.96 -8.77
N SER B 18 -20.06 29.56 -9.94
CA SER B 18 -21.24 29.39 -10.79
C SER B 18 -21.14 28.15 -11.65
N MET B 19 -19.95 27.55 -11.71
CA MET B 19 -19.64 26.39 -12.55
C MET B 19 -19.55 26.60 -14.06
N GLU B 20 -19.55 27.86 -14.47
CA GLU B 20 -19.07 28.23 -15.81
C GLU B 20 -17.61 27.74 -16.04
N ILE B 21 -16.77 27.85 -15.02
CA ILE B 21 -15.48 27.18 -15.07
C ILE B 21 -15.59 26.02 -14.09
N ARG B 22 -15.40 24.80 -14.58
CA ARG B 22 -15.71 23.61 -13.80
C ARG B 22 -14.76 22.51 -14.25
N GLY B 23 -14.69 21.45 -13.46
CA GLY B 23 -13.71 20.35 -13.67
C GLY B 23 -12.59 20.73 -12.71
N ALA B 24 -12.10 19.79 -11.91
CA ALA B 24 -11.03 20.07 -10.99
C ALA B 24 -9.76 20.62 -11.63
N GLY B 25 -9.32 20.02 -12.72
CA GLY B 25 -8.08 20.45 -13.35
C GLY B 25 -8.17 21.87 -13.94
N ARG B 26 -9.29 22.17 -14.58
CA ARG B 26 -9.48 23.45 -15.20
C ARG B 26 -9.63 24.57 -14.19
N ILE B 27 -10.34 24.29 -13.10
CA ILE B 27 -10.45 25.22 -12.00
C ILE B 27 -9.04 25.59 -11.46
N ALA B 28 -8.14 24.62 -11.41
CA ALA B 28 -6.86 24.84 -10.79
C ALA B 28 -6.05 25.78 -11.70
N ARG B 29 -6.12 25.52 -13.00
CA ARG B 29 -5.42 26.35 -14.00
C ARG B 29 -6.01 27.74 -13.96
N ALA B 30 -7.33 27.85 -13.95
CA ALA B 30 -7.97 29.15 -13.89
C ALA B 30 -7.54 29.97 -12.68
N ALA B 31 -7.22 29.30 -11.59
CA ALA B 31 -6.80 30.03 -10.42
C ALA B 31 -5.33 30.49 -10.51
N ALA B 32 -4.43 29.66 -11.07
CA ALA B 32 -3.06 30.07 -11.32
C ALA B 32 -3.14 31.32 -12.20
N GLN B 33 -3.77 31.15 -13.36
CA GLN B 33 -4.03 32.16 -14.36
C GLN B 33 -4.46 33.48 -13.79
N ALA B 34 -5.36 33.41 -12.83
CA ALA B 34 -5.90 34.59 -12.20
C ALA B 34 -4.80 35.28 -11.39
N LEU B 35 -4.03 34.51 -10.62
CA LEU B 35 -2.91 35.08 -9.87
C LEU B 35 -1.88 35.62 -10.87
N MET B 36 -1.62 34.90 -11.97
CA MET B 36 -0.73 35.38 -13.04
C MET B 36 -1.12 36.81 -13.43
N ILE B 37 -2.39 37.00 -13.72
CA ILE B 37 -2.89 38.23 -14.25
C ILE B 37 -2.85 39.37 -13.23
N GLN B 38 -3.31 39.15 -12.00
CA GLN B 38 -3.08 40.11 -10.90
C GLN B 38 -1.60 40.59 -10.85
N ALA B 39 -0.66 39.68 -11.09
CA ALA B 39 0.75 40.01 -10.99
C ALA B 39 1.21 40.84 -12.22
N GLU B 40 0.87 40.40 -13.44
CA GLU B 40 1.09 41.20 -14.69
C GLU B 40 0.58 42.63 -14.59
N LYS B 41 -0.69 42.79 -14.20
CA LYS B 41 -1.38 44.09 -14.19
C LYS B 41 -1.31 44.86 -12.86
N SER B 42 -0.58 44.38 -11.86
CA SER B 42 -0.51 45.14 -10.59
C SER B 42 0.06 46.56 -10.79
N LYS B 43 -0.45 47.52 -10.05
CA LYS B 43 0.09 48.89 -10.06
C LYS B 43 1.03 49.15 -8.88
N ALA B 44 1.17 48.15 -8.01
CA ALA B 44 2.10 48.19 -6.86
C ALA B 44 3.51 48.73 -7.18
N LYS B 45 4.12 49.33 -6.16
CA LYS B 45 5.45 49.92 -6.29
C LYS B 45 6.45 49.22 -5.36
N GLU B 46 6.03 48.97 -4.11
CA GLU B 46 6.78 48.11 -3.17
C GLU B 46 6.47 46.61 -3.37
N PRO B 47 7.44 45.74 -3.06
CA PRO B 47 7.11 44.31 -3.14
C PRO B 47 6.03 43.93 -2.10
N GLU B 48 6.10 44.52 -0.91
CA GLU B 48 5.05 44.38 0.12
C GLU B 48 3.60 44.61 -0.37
N GLU B 49 3.43 45.54 -1.28
CA GLU B 49 2.10 45.87 -1.76
C GLU B 49 1.57 44.78 -2.69
N LEU B 50 2.47 44.20 -3.48
CA LEU B 50 2.16 43.15 -4.42
C LEU B 50 1.83 41.86 -3.67
N TRP B 51 2.71 41.53 -2.75
CA TRP B 51 2.54 40.43 -1.82
C TRP B 51 1.14 40.44 -1.21
N ASN B 52 0.70 41.60 -0.74
CA ASN B 52 -0.61 41.72 -0.15
C ASN B 52 -1.80 41.45 -1.14
N GLU B 53 -1.66 41.93 -2.37
CA GLU B 53 -2.65 41.71 -3.41
C GLU B 53 -2.76 40.22 -3.78
N LEU B 54 -1.61 39.56 -3.81
CA LEU B 54 -1.51 38.15 -4.12
C LEU B 54 -2.11 37.28 -3.02
N LYS B 55 -1.88 37.64 -1.76
CA LYS B 55 -2.49 36.95 -0.64
C LYS B 55 -4.01 37.09 -0.67
N VAL B 56 -4.46 38.30 -0.92
CA VAL B 56 -5.89 38.60 -0.92
C VAL B 56 -6.60 37.93 -2.11
N ALA B 57 -5.98 37.95 -3.28
CA ALA B 57 -6.50 37.25 -4.44
C ALA B 57 -6.52 35.74 -4.21
N SER B 58 -5.44 35.21 -3.66
CA SER B 58 -5.44 33.82 -3.25
C SER B 58 -6.66 33.46 -2.36
N LYS B 59 -7.06 34.31 -1.42
CA LYS B 59 -8.12 34.01 -0.47
C LYS B 59 -9.44 33.99 -1.20
N ILE B 60 -9.71 35.05 -1.93
CA ILE B 60 -10.84 35.12 -2.82
C ILE B 60 -10.98 33.85 -3.66
N LEU B 61 -9.87 33.36 -4.23
CA LEU B 61 -9.93 32.20 -5.09
C LEU B 61 -10.17 30.90 -4.29
N TYR B 62 -9.55 30.78 -3.12
CA TYR B 62 -9.75 29.63 -2.23
C TYR B 62 -11.19 29.44 -1.75
N ASN B 63 -11.86 30.56 -1.42
CA ASN B 63 -13.26 30.61 -0.92
C ASN B 63 -14.31 30.55 -2.06
N THR B 64 -14.09 29.70 -3.04
CA THR B 64 -15.00 29.61 -4.15
C THR B 64 -15.62 28.22 -3.99
N ARG B 65 -14.88 27.15 -4.26
CA ARG B 65 -15.34 25.77 -4.12
C ARG B 65 -14.35 24.98 -3.28
N PRO B 66 -14.86 24.22 -2.28
CA PRO B 66 -13.97 23.57 -1.33
C PRO B 66 -13.37 22.25 -1.74
N THR B 67 -14.10 21.47 -2.51
CA THR B 67 -13.87 20.05 -2.47
C THR B 67 -12.71 19.61 -3.34
N ALA B 68 -12.65 20.14 -4.56
CA ALA B 68 -11.50 19.86 -5.45
C ALA B 68 -10.24 20.58 -4.89
N VAL B 69 -9.36 19.77 -4.31
CA VAL B 69 -8.14 20.25 -3.70
C VAL B 69 -7.10 20.74 -4.72
N SER B 70 -7.25 20.30 -5.96
CA SER B 70 -6.49 20.89 -7.08
C SER B 70 -6.45 22.43 -6.99
N LEU B 71 -7.55 23.08 -6.61
CA LEU B 71 -7.59 24.54 -6.50
C LEU B 71 -6.55 25.12 -5.49
N PRO B 72 -6.71 24.83 -4.17
CA PRO B 72 -5.67 25.19 -3.20
C PRO B 72 -4.26 24.72 -3.55
N ASN B 73 -4.11 23.55 -4.17
CA ASN B 73 -2.75 23.11 -4.58
C ASN B 73 -2.12 24.03 -5.67
N ALA B 74 -2.96 24.53 -6.57
CA ALA B 74 -2.52 25.45 -7.59
C ALA B 74 -2.08 26.77 -6.94
N LEU B 75 -2.89 27.25 -6.02
CA LEU B 75 -2.60 28.47 -5.33
C LEU B 75 -1.29 28.33 -4.56
N ARG B 76 -1.10 27.19 -3.90
CA ARG B 76 0.11 26.88 -3.16
C ARG B 76 1.36 26.81 -4.02
N TYR B 77 1.26 26.13 -5.17
CA TYR B 77 2.37 26.04 -6.09
C TYR B 77 2.91 27.49 -6.37
N VAL B 78 2.01 28.36 -6.79
CA VAL B 78 2.37 29.75 -7.02
C VAL B 78 2.85 30.39 -5.70
N MET B 79 1.97 30.40 -4.69
CA MET B 79 2.23 31.17 -3.48
C MET B 79 3.40 30.73 -2.57
N HIS B 80 3.82 29.45 -2.57
CA HIS B 80 5.02 29.01 -1.84
C HIS B 80 6.24 29.71 -2.46
N ARG B 81 6.25 29.77 -3.80
CA ARG B 81 7.35 30.35 -4.53
C ARG B 81 7.34 31.88 -4.38
N VAL B 82 6.17 32.50 -4.51
CA VAL B 82 6.05 33.91 -4.26
C VAL B 82 6.46 34.23 -2.80
N LYS B 83 6.00 33.47 -1.81
CA LYS B 83 6.34 33.80 -0.44
C LYS B 83 7.85 33.62 -0.16
N ALA B 84 8.46 32.54 -0.66
CA ALA B 84 9.90 32.37 -0.46
C ALA B 84 10.71 33.53 -1.09
N ALA B 85 10.35 33.97 -2.29
CA ALA B 85 11.00 35.16 -2.91
C ALA B 85 10.82 36.47 -2.09
N TYR B 86 9.60 36.75 -1.66
CA TYR B 86 9.29 37.93 -0.88
C TYR B 86 10.10 37.95 0.41
N LEU B 87 10.00 36.87 1.17
CA LEU B 87 10.76 36.72 2.41
C LEU B 87 12.29 36.76 2.19
N GLY B 88 12.78 36.22 1.10
CA GLY B 88 14.22 36.29 0.75
C GLY B 88 14.70 37.63 0.19
N GLY B 89 13.84 38.65 0.26
CA GLY B 89 14.20 40.02 0.01
C GLY B 89 13.96 40.57 -1.38
N ALA B 90 13.35 39.78 -2.27
CA ALA B 90 13.17 40.18 -3.69
C ALA B 90 12.51 41.53 -3.83
N ASP B 91 12.88 42.19 -4.93
CA ASP B 91 12.41 43.54 -5.29
C ASP B 91 11.10 43.37 -6.04
N LEU B 92 10.43 44.48 -6.34
CA LEU B 92 9.11 44.43 -6.98
C LEU B 92 9.08 43.55 -8.22
N GLU B 93 10.02 43.74 -9.15
CA GLU B 93 9.94 43.06 -10.45
C GLU B 93 10.29 41.58 -10.42
N THR B 94 11.19 41.23 -9.51
CA THR B 94 11.58 39.85 -9.30
C THR B 94 10.44 39.05 -8.64
N LEU B 95 9.68 39.70 -7.76
CA LEU B 95 8.47 39.13 -7.15
C LEU B 95 7.33 38.94 -8.16
N ARG B 96 7.10 39.95 -9.00
CA ARG B 96 6.16 39.87 -10.09
C ARG B 96 6.49 38.71 -10.97
N PHE B 97 7.77 38.55 -11.27
CA PHE B 97 8.15 37.52 -12.19
C PHE B 97 8.00 36.16 -11.54
N THR B 98 8.33 36.00 -10.26
CA THR B 98 8.23 34.71 -9.61
C THR B 98 6.74 34.20 -9.67
N ALA B 99 5.78 35.11 -9.40
CA ALA B 99 4.35 34.81 -9.51
C ALA B 99 4.00 34.41 -10.90
N ILE B 100 4.30 35.30 -11.85
CA ILE B 100 3.91 35.10 -13.25
C ILE B 100 4.43 33.77 -13.78
N ASN B 101 5.68 33.48 -13.45
CA ASN B 101 6.34 32.35 -14.00
C ASN B 101 5.94 31.06 -13.27
N SER B 102 5.68 31.18 -11.97
CA SER B 102 5.21 30.05 -11.19
C SER B 102 3.82 29.62 -11.69
N ALA B 103 2.94 30.58 -11.98
CA ALA B 103 1.59 30.29 -12.43
C ALA B 103 1.65 29.60 -13.75
N LYS B 104 2.56 30.05 -14.62
CA LYS B 104 2.72 29.44 -15.93
C LYS B 104 3.24 28.00 -15.85
N GLU B 105 4.16 27.76 -14.94
CA GLU B 105 4.73 26.42 -14.74
C GLU B 105 3.67 25.37 -14.34
N PHE B 106 2.76 25.78 -13.45
CA PHE B 106 1.61 24.98 -13.00
C PHE B 106 0.68 24.67 -14.16
N ILE B 107 0.35 25.70 -14.92
CA ILE B 107 -0.53 25.56 -16.09
C ILE B 107 0.06 24.58 -17.07
N TYR B 108 1.32 24.79 -17.40
CA TYR B 108 2.00 23.96 -18.37
C TYR B 108 2.14 22.52 -17.87
N ASN B 109 2.52 22.40 -16.61
CA ASN B 109 2.62 21.08 -15.99
C ASN B 109 1.27 20.29 -15.96
N SER B 110 0.17 21.02 -15.72
CA SER B 110 -1.17 20.46 -15.73
C SER B 110 -1.54 19.94 -17.11
N GLU B 111 -1.33 20.74 -18.15
CA GLU B 111 -1.55 20.30 -19.55
C GLU B 111 -0.75 19.04 -19.89
N LYS B 112 0.53 19.05 -19.52
CA LYS B 112 1.39 17.89 -19.83
C LYS B 112 1.02 16.60 -19.07
N ALA B 113 0.52 16.79 -17.86
CA ALA B 113 0.21 15.68 -16.99
C ALA B 113 -1.08 14.93 -17.49
N ILE B 114 -2.07 15.70 -17.97
CA ILE B 114 -3.29 15.14 -18.59
C ILE B 114 -2.98 14.34 -19.84
N GLU B 115 -2.09 14.84 -20.65
CA GLU B 115 -1.61 14.10 -21.82
C GLU B 115 -0.93 12.78 -21.44
N ARG B 116 -0.06 12.85 -20.45
CA ARG B 116 0.75 11.70 -20.04
C ARG B 116 -0.14 10.61 -19.40
N ILE B 117 -1.09 11.09 -18.60
CA ILE B 117 -2.14 10.22 -18.04
C ILE B 117 -2.90 9.43 -19.11
N GLY B 118 -3.31 10.15 -20.16
CA GLY B 118 -3.90 9.51 -21.34
C GLY B 118 -3.03 8.46 -21.98
N GLU B 119 -1.74 8.74 -22.08
CA GLU B 119 -0.83 7.79 -22.73
C GLU B 119 -0.67 6.54 -21.87
N ILE B 120 -0.68 6.75 -20.56
CA ILE B 120 -0.48 5.66 -19.61
C ILE B 120 -1.77 4.86 -19.46
N GLY B 121 -2.88 5.54 -19.22
CA GLY B 121 -4.15 4.82 -19.01
C GLY B 121 -4.65 4.05 -20.21
N ALA B 122 -4.44 4.63 -21.38
CA ALA B 122 -4.76 3.97 -22.63
C ALA B 122 -4.16 2.62 -22.75
N LYS B 123 -3.01 2.39 -22.17
CA LYS B 123 -2.41 1.05 -22.30
C LYS B 123 -3.22 0.00 -21.58
N ARG B 124 -4.01 0.45 -20.59
CA ARG B 124 -4.92 -0.45 -19.90
C ARG B 124 -6.28 -0.67 -20.58
N ILE B 125 -6.53 0.02 -21.70
CA ILE B 125 -7.74 -0.14 -22.50
C ILE B 125 -7.32 -1.09 -23.59
N GLU B 126 -8.22 -2.00 -23.95
CA GLU B 126 -7.96 -3.07 -24.89
C GLU B 126 -9.00 -2.98 -26.04
N ASP B 127 -8.61 -3.52 -27.19
CA ASP B 127 -9.47 -3.54 -28.36
C ASP B 127 -10.83 -4.16 -28.02
N GLY B 128 -11.88 -3.48 -28.40
CA GLY B 128 -13.26 -3.98 -28.16
C GLY B 128 -13.89 -3.62 -26.83
N ASP B 129 -13.18 -2.84 -26.02
CA ASP B 129 -13.63 -2.55 -24.67
C ASP B 129 -14.84 -1.63 -24.66
N ILE B 130 -15.74 -1.93 -23.74
CA ILE B 130 -16.80 -1.05 -23.36
C ILE B 130 -16.39 -0.36 -22.08
N ILE B 131 -16.44 0.96 -22.07
CA ILE B 131 -15.98 1.73 -20.92
C ILE B 131 -17.11 2.55 -20.38
N MET B 132 -17.36 2.48 -19.08
CA MET B 132 -18.32 3.39 -18.46
C MET B 132 -17.57 4.48 -17.71
N THR B 133 -18.09 5.71 -17.75
CA THR B 133 -17.45 6.89 -17.15
C THR B 133 -18.53 7.66 -16.41
N HIS B 134 -18.18 8.78 -15.80
CA HIS B 134 -19.18 9.46 -14.97
C HIS B 134 -18.74 10.89 -14.95
N CYS B 135 -19.69 11.81 -14.84
CA CYS B 135 -19.41 13.26 -14.93
C CYS B 135 -18.60 13.55 -16.21
N HIS B 136 -17.85 14.65 -16.19
CA HIS B 136 -16.95 15.08 -17.29
C HIS B 136 -15.58 15.32 -16.71
N SER B 137 -14.67 14.41 -17.01
CA SER B 137 -13.32 14.46 -16.48
C SER B 137 -12.37 14.51 -17.66
N LYS B 138 -11.65 15.61 -17.74
CA LYS B 138 -10.60 15.79 -18.72
C LYS B 138 -9.56 14.69 -18.67
N ALA B 139 -9.21 14.30 -17.46
CA ALA B 139 -8.18 13.25 -17.29
C ALA B 139 -8.67 11.92 -17.82
N ALA B 140 -9.93 11.57 -17.49
CA ALA B 140 -10.47 10.29 -17.92
C ALA B 140 -10.62 10.28 -19.41
N ILE B 141 -11.11 11.40 -19.95
CA ILE B 141 -11.29 11.55 -21.43
C ILE B 141 -9.99 11.41 -22.19
N SER B 142 -8.90 11.91 -21.61
CA SER B 142 -7.61 11.79 -22.26
C SER B 142 -7.33 10.30 -22.45
N VAL B 143 -7.66 9.49 -21.46
CA VAL B 143 -7.44 8.03 -21.59
C VAL B 143 -8.23 7.43 -22.77
N MET B 144 -9.51 7.76 -22.83
CA MET B 144 -10.39 7.17 -23.83
C MET B 144 -9.98 7.67 -25.20
N LYS B 145 -9.75 8.98 -25.27
CA LYS B 145 -9.36 9.61 -26.51
C LYS B 145 -8.09 8.95 -27.06
N LYS B 146 -7.04 8.83 -26.26
CA LYS B 146 -5.81 8.14 -26.72
C LYS B 146 -6.03 6.69 -27.14
N ALA B 147 -6.86 5.96 -26.40
CA ALA B 147 -7.09 4.54 -26.73
C ALA B 147 -7.68 4.40 -28.11
N PHE B 148 -8.65 5.27 -28.38
CA PHE B 148 -9.27 5.33 -29.68
C PHE B 148 -8.28 5.68 -30.81
N GLU B 149 -7.37 6.61 -30.55
CA GLU B 149 -6.35 7.06 -31.50
C GLU B 149 -5.35 6.01 -31.79
N GLN B 150 -5.13 5.15 -30.81
CA GLN B 150 -4.34 3.95 -31.08
C GLN B 150 -5.11 2.87 -31.89
N GLY B 151 -6.37 3.14 -32.27
CA GLY B 151 -7.14 2.23 -33.14
C GLY B 151 -7.84 1.09 -32.44
N LYS B 152 -7.97 1.18 -31.12
CA LYS B 152 -8.79 0.27 -30.34
C LYS B 152 -10.23 0.67 -30.55
N ASN B 153 -11.08 -0.29 -30.88
CA ASN B 153 -12.48 0.01 -31.15
C ASN B 153 -13.13 0.00 -29.82
N ILE B 154 -13.40 1.17 -29.30
CA ILE B 154 -14.02 1.25 -28.00
C ILE B 154 -15.39 1.83 -28.12
N LYS B 155 -16.17 1.67 -27.08
CA LYS B 155 -17.43 2.36 -26.95
C LYS B 155 -17.51 2.84 -25.54
N VAL B 156 -18.09 4.03 -25.35
CA VAL B 156 -18.25 4.55 -24.00
C VAL B 156 -19.69 4.73 -23.55
N ILE B 157 -20.02 4.17 -22.38
CA ILE B 157 -21.22 4.40 -21.68
C ILE B 157 -21.03 5.61 -20.80
N VAL B 158 -21.79 6.62 -21.10
CA VAL B 158 -21.72 7.86 -20.43
C VAL B 158 -22.99 7.99 -19.61
N THR B 159 -22.82 8.32 -18.34
CA THR B 159 -23.91 8.52 -17.42
C THR B 159 -24.20 9.99 -17.37
N GLU B 160 -25.47 10.35 -17.29
CA GLU B 160 -25.86 11.71 -17.53
C GLU B 160 -25.39 12.65 -16.46
N THR B 161 -25.17 12.13 -15.26
CA THR B 161 -24.66 12.89 -14.18
C THR B 161 -25.55 14.06 -13.75
N ARG B 162 -26.60 13.74 -13.03
CA ARG B 162 -27.44 14.73 -12.40
C ARG B 162 -26.73 15.29 -11.19
N PRO B 163 -27.14 16.46 -10.73
CA PRO B 163 -28.22 17.32 -11.32
C PRO B 163 -27.82 18.26 -12.46
N LYS B 164 -26.52 18.41 -12.68
CA LYS B 164 -26.02 19.47 -13.54
C LYS B 164 -25.72 19.00 -14.97
N TRP B 165 -25.91 17.69 -15.21
CA TRP B 165 -25.91 17.10 -16.52
C TRP B 165 -24.54 17.08 -17.22
N GLN B 166 -23.47 16.91 -16.45
CA GLN B 166 -22.09 16.90 -17.01
C GLN B 166 -21.86 15.82 -18.07
N GLY B 167 -22.68 14.76 -18.07
CA GLY B 167 -22.53 13.69 -19.06
C GLY B 167 -22.82 14.16 -20.46
N LYS B 168 -23.59 15.24 -20.56
CA LYS B 168 -23.87 15.83 -21.87
C LYS B 168 -22.60 16.33 -22.53
N ILE B 169 -21.77 16.94 -21.71
CA ILE B 169 -20.50 17.49 -22.16
C ILE B 169 -19.68 16.32 -22.66
N THR B 170 -19.65 15.25 -21.85
CA THR B 170 -18.78 14.13 -22.11
C THR B 170 -19.22 13.39 -23.38
N ALA B 171 -20.53 13.19 -23.51
CA ALA B 171 -21.14 12.47 -24.62
C ALA B 171 -20.76 13.13 -25.95
N LYS B 172 -21.04 14.43 -26.02
CA LYS B 172 -20.77 15.24 -27.22
C LYS B 172 -19.30 15.36 -27.48
N GLU B 173 -18.49 15.51 -26.43
CA GLU B 173 -17.06 15.54 -26.66
C GLU B 173 -16.51 14.24 -27.21
N LEU B 174 -16.87 13.10 -26.60
CA LEU B 174 -16.32 11.83 -27.12
C LEU B 174 -16.80 11.54 -28.53
N ALA B 175 -18.02 11.95 -28.82
CA ALA B 175 -18.61 11.76 -30.17
C ALA B 175 -17.85 12.56 -31.22
N SER B 176 -17.54 13.82 -30.89
CA SER B 176 -16.64 14.66 -31.73
C SER B 176 -15.32 14.01 -32.10
N TYR B 177 -14.78 13.08 -31.31
CA TYR B 177 -13.57 12.36 -31.73
C TYR B 177 -13.83 11.14 -32.55
N GLY B 178 -15.08 10.81 -32.84
CA GLY B 178 -15.39 9.57 -33.52
C GLY B 178 -15.68 8.36 -32.63
N ILE B 179 -15.84 8.58 -31.31
CA ILE B 179 -16.08 7.49 -30.39
C ILE B 179 -17.58 7.26 -30.20
N PRO B 180 -18.02 6.04 -30.46
CA PRO B 180 -19.43 5.75 -30.17
C PRO B 180 -19.75 5.90 -28.67
N VAL B 181 -20.93 6.43 -28.35
CA VAL B 181 -21.35 6.65 -27.01
C VAL B 181 -22.70 6.00 -26.81
N ILE B 182 -22.90 5.46 -25.60
CA ILE B 182 -24.21 5.02 -25.13
C ILE B 182 -24.53 5.87 -23.95
N TYR B 183 -25.65 6.57 -23.98
CA TYR B 183 -25.95 7.53 -22.95
C TYR B 183 -27.07 6.97 -22.09
N ILE B 184 -26.92 7.04 -20.77
CA ILE B 184 -27.87 6.47 -19.82
C ILE B 184 -28.12 7.34 -18.59
N VAL B 185 -29.19 7.07 -17.88
CA VAL B 185 -29.39 7.75 -16.62
C VAL B 185 -28.50 7.10 -15.59
N ASP B 186 -28.19 7.83 -14.53
CA ASP B 186 -27.28 7.33 -13.46
C ASP B 186 -27.80 6.00 -12.87
N SER B 187 -29.13 5.91 -12.63
CA SER B 187 -29.79 4.68 -12.11
C SER B 187 -29.55 3.39 -12.90
N ALA B 188 -29.01 3.52 -14.10
CA ALA B 188 -28.86 2.37 -14.97
C ALA B 188 -27.51 1.73 -14.95
N ALA B 189 -26.60 2.25 -14.13
CA ALA B 189 -25.18 1.76 -14.08
C ALA B 189 -25.06 0.25 -13.72
N ARG B 190 -25.88 -0.22 -12.79
CA ARG B 190 -25.82 -1.64 -12.48
C ARG B 190 -26.39 -2.48 -13.63
N HIS B 191 -27.54 -2.05 -14.13
CA HIS B 191 -28.13 -2.71 -15.33
C HIS B 191 -27.10 -2.87 -16.47
N TYR B 192 -26.29 -1.85 -16.71
CA TYR B 192 -25.28 -2.00 -17.79
C TYR B 192 -23.88 -2.40 -17.34
N MET B 193 -23.66 -2.68 -16.06
CA MET B 193 -22.33 -3.10 -15.62
C MET B 193 -21.89 -4.43 -16.20
N LYS B 194 -22.84 -5.30 -16.55
CA LYS B 194 -22.57 -6.66 -17.01
CA LYS B 194 -22.53 -6.67 -17.03
C LYS B 194 -21.91 -6.64 -18.43
N MET B 195 -22.26 -5.65 -19.23
CA MET B 195 -21.68 -5.48 -20.56
C MET B 195 -20.43 -4.56 -20.53
N THR B 196 -20.11 -3.95 -19.38
CA THR B 196 -18.97 -3.03 -19.29
C THR B 196 -17.70 -3.80 -19.03
N ASP B 197 -16.60 -3.38 -19.66
CA ASP B 197 -15.27 -4.01 -19.44
C ASP B 197 -14.37 -3.21 -18.54
N LYS B 198 -14.45 -1.89 -18.60
CA LYS B 198 -13.64 -1.03 -17.76
C LYS B 198 -14.46 0.16 -17.30
N VAL B 199 -14.20 0.62 -16.08
CA VAL B 199 -14.69 1.89 -15.62
C VAL B 199 -13.46 2.80 -15.58
N VAL B 200 -13.66 4.05 -16.03
CA VAL B 200 -12.64 5.11 -16.06
C VAL B 200 -13.33 6.41 -15.65
N MET B 201 -13.02 6.91 -14.45
CA MET B 201 -13.53 8.16 -13.96
C MET B 201 -12.35 9.01 -13.51
N GLY B 202 -12.66 10.27 -13.18
CA GLY B 202 -11.66 11.25 -12.66
C GLY B 202 -11.74 11.43 -11.16
N ALA B 203 -11.10 12.49 -10.66
CA ALA B 203 -11.04 12.81 -9.23
C ALA B 203 -10.90 14.26 -8.95
N ASP B 204 -11.63 14.73 -7.94
CA ASP B 204 -11.45 16.05 -7.33
C ASP B 204 -10.47 16.11 -6.17
N SER B 205 -10.45 15.05 -5.34
CA SER B 205 -9.49 14.88 -4.23
C SER B 205 -9.27 13.38 -3.92
N ILE B 206 -8.02 13.03 -3.63
CA ILE B 206 -7.61 11.68 -3.23
C ILE B 206 -6.88 11.84 -1.87
N THR B 207 -7.21 10.95 -0.92
CA THR B 207 -6.90 11.11 0.48
C THR B 207 -5.72 10.24 0.73
N ALA B 208 -5.10 10.46 1.89
CA ALA B 208 -3.92 9.67 2.33
C ALA B 208 -4.08 8.15 2.31
N ASN B 209 -5.31 7.71 2.59
CA ASN B 209 -5.59 6.29 2.66
C ASN B 209 -6.09 5.72 1.34
N GLY B 210 -6.27 6.56 0.32
CA GLY B 210 -6.52 6.09 -1.01
C GLY B 210 -7.96 6.26 -1.49
N ALA B 211 -8.74 6.93 -0.71
CA ALA B 211 -10.11 7.14 -1.04
C ALA B 211 -10.21 8.33 -2.03
N VAL B 212 -11.21 8.26 -2.89
CA VAL B 212 -11.38 9.15 -4.04
C VAL B 212 -12.71 9.90 -3.83
N ILE B 213 -12.61 11.21 -3.76
CA ILE B 213 -13.74 12.10 -3.74
C ILE B 213 -13.96 12.50 -5.19
N ASN B 214 -15.16 12.26 -5.71
CA ASN B 214 -15.48 12.60 -7.10
C ASN B 214 -16.96 12.90 -7.21
N LYS B 215 -17.42 13.25 -8.44
CA LYS B 215 -18.81 13.66 -8.63
C LYS B 215 -19.78 12.71 -7.92
N ILE B 216 -20.76 13.28 -7.26
CA ILE B 216 -21.85 12.49 -6.68
C ILE B 216 -22.33 11.40 -7.63
N GLY B 217 -22.36 10.14 -7.12
CA GLY B 217 -22.72 8.92 -7.89
C GLY B 217 -21.54 8.01 -8.22
N THR B 218 -20.32 8.57 -8.14
CA THR B 218 -19.09 7.83 -8.42
C THR B 218 -18.93 6.56 -7.59
N SER B 219 -19.27 6.68 -6.32
CA SER B 219 -19.09 5.61 -5.37
C SER B 219 -20.02 4.49 -5.60
N LEU B 220 -21.19 4.78 -6.17
CA LEU B 220 -22.17 3.73 -6.58
C LEU B 220 -21.73 2.94 -7.76
N ILE B 221 -21.17 3.65 -8.75
CA ILE B 221 -20.66 3.00 -9.94
C ILE B 221 -19.53 2.09 -9.52
N ALA B 222 -18.66 2.56 -8.64
CA ALA B 222 -17.52 1.70 -8.22
C ALA B 222 -17.93 0.42 -7.43
N LEU B 223 -18.94 0.59 -6.57
CA LEU B 223 -19.55 -0.49 -5.82
C LEU B 223 -20.03 -1.57 -6.76
N THR B 224 -20.89 -1.21 -7.72
CA THR B 224 -21.39 -2.26 -8.57
C THR B 224 -20.33 -2.79 -9.52
N ALA B 225 -19.41 -1.94 -9.91
CA ALA B 225 -18.18 -2.44 -10.63
C ALA B 225 -17.39 -3.53 -9.89
N LYS B 226 -17.19 -3.31 -8.59
CA LYS B 226 -16.54 -4.31 -7.74
C LYS B 226 -17.34 -5.61 -7.68
N GLU B 227 -18.60 -5.47 -7.31
CA GLU B 227 -19.59 -6.54 -7.43
C GLU B 227 -19.37 -7.42 -8.64
N HIS B 228 -19.06 -6.78 -9.77
CA HIS B 228 -18.89 -7.48 -11.07
C HIS B 228 -17.47 -7.76 -11.56
N ARG B 229 -16.47 -7.51 -10.76
CA ARG B 229 -15.07 -7.62 -11.19
C ARG B 229 -14.76 -6.78 -12.43
N VAL B 230 -15.32 -5.58 -12.52
CA VAL B 230 -14.88 -4.63 -13.54
C VAL B 230 -13.94 -3.61 -12.93
N TRP B 231 -12.80 -3.47 -13.61
CA TRP B 231 -11.72 -2.59 -13.11
C TRP B 231 -12.21 -1.20 -13.06
N VAL B 232 -12.05 -0.60 -11.89
CA VAL B 232 -12.28 0.81 -11.73
C VAL B 232 -10.95 1.53 -11.78
N MET B 233 -10.72 2.35 -12.83
CA MET B 233 -9.47 3.14 -12.99
C MET B 233 -9.77 4.60 -12.83
N ILE B 234 -9.12 5.23 -11.88
CA ILE B 234 -9.25 6.65 -11.66
C ILE B 234 -8.08 7.40 -12.32
N ALA B 235 -8.37 8.23 -13.32
CA ALA B 235 -7.35 9.07 -13.98
C ALA B 235 -7.27 10.40 -13.23
N ALA B 236 -6.07 10.74 -12.72
CA ALA B 236 -5.97 11.84 -11.80
C ALA B 236 -4.50 12.28 -11.57
N GLU B 237 -4.34 13.59 -11.62
CA GLU B 237 -3.04 14.26 -11.56
C GLU B 237 -2.57 14.29 -10.13
N THR B 238 -1.26 14.40 -9.91
CA THR B 238 -0.69 14.49 -8.54
C THR B 238 -1.30 15.63 -7.73
N TYR B 239 -1.68 16.71 -8.38
CA TYR B 239 -2.27 17.80 -7.61
C TYR B 239 -3.76 17.56 -7.25
N LYS B 240 -4.31 16.40 -7.62
CA LYS B 240 -5.58 15.95 -7.06
C LYS B 240 -5.40 15.29 -5.65
N PHE B 241 -4.17 15.01 -5.26
CA PHE B 241 -3.92 14.42 -3.95
C PHE B 241 -4.03 15.49 -2.84
N HIS B 242 -4.66 15.12 -1.73
CA HIS B 242 -5.05 16.05 -0.69
C HIS B 242 -4.09 15.97 0.50
N PRO B 243 -3.33 17.03 0.72
CA PRO B 243 -2.25 16.90 1.70
C PRO B 243 -2.73 17.06 3.10
N ALA B 244 -3.72 17.91 3.35
CA ALA B 244 -4.23 18.02 4.71
C ALA B 244 -4.82 16.68 5.30
N THR B 245 -5.10 15.66 4.46
CA THR B 245 -5.61 14.36 4.97
C THR B 245 -4.53 13.52 5.61
N MET B 246 -3.26 13.83 5.30
CA MET B 246 -2.11 13.15 5.95
C MET B 246 -2.14 13.42 7.48
N LEU B 247 -2.74 14.52 7.89
CA LEU B 247 -2.83 14.86 9.31
C LEU B 247 -4.25 14.83 9.84
N GLY B 248 -5.08 13.95 9.24
CA GLY B 248 -6.40 13.64 9.81
C GLY B 248 -7.57 14.42 9.27
N GLN B 249 -7.32 15.45 8.46
CA GLN B 249 -8.42 16.24 7.95
C GLN B 249 -9.30 15.38 7.05
N LEU B 250 -10.62 15.59 7.21
CA LEU B 250 -11.62 15.04 6.28
C LEU B 250 -11.91 16.08 5.27
N VAL B 251 -12.17 15.65 4.04
CA VAL B 251 -12.51 16.57 2.95
C VAL B 251 -13.95 17.07 3.10
N GLU B 252 -14.14 18.37 2.98
CA GLU B 252 -15.49 18.96 2.98
C GLU B 252 -16.21 18.58 1.69
N ILE B 253 -17.46 18.09 1.81
CA ILE B 253 -18.32 17.83 0.68
C ILE B 253 -19.23 19.07 0.44
N GLU B 254 -19.06 19.65 -0.74
CA GLU B 254 -19.86 20.83 -1.20
C GLU B 254 -21.33 20.50 -1.33
N MET B 255 -22.16 21.24 -0.65
CA MET B 255 -23.61 21.16 -0.76
C MET B 255 -23.98 22.39 -1.61
N ARG B 256 -24.48 22.13 -2.82
CA ARG B 256 -24.86 23.18 -3.77
C ARG B 256 -26.39 23.42 -3.74
N ASP B 257 -26.81 24.44 -4.49
CA ASP B 257 -28.11 25.01 -4.37
C ASP B 257 -29.22 24.02 -4.76
N PRO B 258 -30.29 23.91 -3.93
CA PRO B 258 -31.47 23.12 -4.27
C PRO B 258 -32.00 23.31 -5.66
N THR B 259 -31.90 24.54 -6.17
CA THR B 259 -32.42 24.88 -7.48
C THR B 259 -31.71 24.24 -8.63
N GLU B 260 -30.54 23.70 -8.40
CA GLU B 260 -29.91 22.92 -9.46
C GLU B 260 -30.67 21.59 -9.65
N VAL B 261 -31.39 21.11 -8.62
CA VAL B 261 -32.06 19.83 -8.64
C VAL B 261 -33.49 19.97 -9.20
N ILE B 262 -34.29 20.73 -8.44
CA ILE B 262 -35.60 21.26 -8.82
C ILE B 262 -35.48 22.77 -9.19
N PRO B 263 -35.79 23.16 -10.46
CA PRO B 263 -35.70 24.60 -10.83
C PRO B 263 -36.53 25.52 -9.96
N GLU B 264 -36.09 26.77 -9.87
CA GLU B 264 -36.62 27.81 -8.98
C GLU B 264 -38.18 27.96 -9.06
N GLU B 265 -38.66 28.11 -10.29
CA GLU B 265 -40.09 28.13 -10.62
C GLU B 265 -40.91 27.07 -9.87
N GLU B 266 -40.46 25.81 -10.02
CA GLU B 266 -41.11 24.62 -9.43
C GLU B 266 -40.93 24.58 -7.92
N LEU B 267 -39.69 24.83 -7.47
CA LEU B 267 -39.32 24.65 -6.07
C LEU B 267 -40.14 25.54 -5.14
N ARG B 268 -40.47 26.75 -5.58
CA ARG B 268 -41.24 27.62 -4.69
C ARG B 268 -42.71 27.17 -4.58
N THR B 269 -43.22 26.36 -5.51
CA THR B 269 -44.55 25.75 -5.36
C THR B 269 -44.58 24.57 -4.35
N TRP B 270 -43.42 24.15 -3.80
CA TRP B 270 -43.37 22.98 -2.93
C TRP B 270 -43.54 23.35 -1.48
N PRO B 271 -44.12 22.44 -0.65
CA PRO B 271 -44.28 22.77 0.79
C PRO B 271 -42.94 22.81 1.58
N LYS B 272 -42.92 23.50 2.73
CA LYS B 272 -41.73 23.56 3.61
C LYS B 272 -41.14 22.18 3.90
N ASN B 273 -41.99 21.21 4.20
CA ASN B 273 -41.55 19.96 4.83
C ASN B 273 -40.84 19.02 3.81
N ILE B 274 -40.71 19.44 2.54
CA ILE B 274 -39.69 18.89 1.63
C ILE B 274 -38.41 19.75 1.67
N GLU B 275 -37.28 19.06 1.86
CA GLU B 275 -35.93 19.66 1.79
C GLU B 275 -35.21 19.00 0.63
N VAL B 276 -34.60 19.80 -0.23
CA VAL B 276 -33.81 19.25 -1.32
C VAL B 276 -32.37 19.27 -0.91
N TRP B 277 -31.69 18.13 -1.02
CA TRP B 277 -30.29 17.99 -0.63
C TRP B 277 -29.43 17.64 -1.86
N ASN B 278 -28.36 18.41 -2.07
CA ASN B 278 -27.63 18.39 -3.35
C ASN B 278 -26.12 18.40 -3.05
N PRO B 279 -25.62 17.27 -2.54
CA PRO B 279 -24.16 17.08 -2.43
C PRO B 279 -23.54 16.98 -3.79
N ALA B 280 -22.45 17.72 -4.04
CA ALA B 280 -21.86 17.63 -5.40
C ALA B 280 -20.86 16.52 -5.52
N PHE B 281 -20.45 15.94 -4.39
CA PHE B 281 -19.43 14.82 -4.38
C PHE B 281 -19.85 13.64 -3.47
N ASP B 282 -19.33 12.45 -3.74
CA ASP B 282 -19.23 11.42 -2.75
C ASP B 282 -17.84 10.79 -2.69
N VAL B 283 -17.68 9.88 -1.73
CA VAL B 283 -16.39 9.33 -1.45
C VAL B 283 -16.40 7.84 -1.64
N THR B 284 -15.48 7.37 -2.50
CA THR B 284 -15.29 5.99 -2.89
C THR B 284 -14.14 5.33 -2.18
N PRO B 285 -14.36 4.19 -1.51
CA PRO B 285 -13.26 3.64 -0.73
C PRO B 285 -12.21 2.99 -1.55
N PRO B 286 -10.99 2.89 -1.01
CA PRO B 286 -9.90 2.41 -1.84
C PRO B 286 -10.03 0.96 -2.28
N GLU B 287 -10.67 0.12 -1.47
CA GLU B 287 -10.94 -1.30 -1.88
C GLU B 287 -11.71 -1.46 -3.18
N TYR B 288 -12.46 -0.43 -3.58
CA TYR B 288 -13.19 -0.42 -4.87
C TYR B 288 -12.42 0.23 -6.02
N ILE B 289 -11.17 0.63 -5.82
CA ILE B 289 -10.31 1.13 -6.93
C ILE B 289 -9.25 0.12 -7.25
N ASP B 290 -9.11 -0.22 -8.52
CA ASP B 290 -8.08 -1.10 -9.03
C ASP B 290 -6.77 -0.27 -9.15
N VAL B 291 -6.83 0.87 -9.86
CA VAL B 291 -5.63 1.74 -10.07
C VAL B 291 -5.98 3.20 -10.10
N ILE B 292 -5.01 4.02 -9.68
CA ILE B 292 -4.98 5.44 -9.94
C ILE B 292 -3.91 5.58 -11.00
N ILE B 293 -4.21 6.35 -12.07
CA ILE B 293 -3.33 6.63 -13.18
C ILE B 293 -2.98 8.10 -12.97
N THR B 294 -1.73 8.36 -12.57
CA THR B 294 -1.20 9.71 -12.44
C THR B 294 -0.20 9.95 -13.55
N GLU B 295 0.34 11.18 -13.64
CA GLU B 295 1.37 11.50 -14.65
C GLU B 295 2.66 10.74 -14.42
N ARG B 296 2.84 10.24 -13.18
CA ARG B 296 4.01 9.47 -12.83
C ARG B 296 3.81 7.99 -12.87
N GLY B 297 2.61 7.52 -13.21
CA GLY B 297 2.40 6.12 -13.49
C GLY B 297 1.19 5.57 -12.72
N ILE B 298 1.06 4.26 -12.83
CA ILE B 298 0.01 3.49 -12.25
C ILE B 298 0.40 3.21 -10.81
N ILE B 299 -0.53 3.46 -9.88
CA ILE B 299 -0.39 3.05 -8.49
C ILE B 299 -1.69 2.36 -8.02
N PRO B 300 -1.57 1.44 -7.02
CA PRO B 300 -2.78 1.05 -6.28
C PRO B 300 -3.21 2.20 -5.42
N PRO B 301 -4.48 2.26 -5.03
CA PRO B 301 -4.91 3.53 -4.38
C PRO B 301 -4.25 3.84 -3.04
N TYR B 302 -3.86 2.78 -2.36
CA TYR B 302 -3.17 2.85 -1.06
C TYR B 302 -1.79 3.57 -1.14
N ALA B 303 -1.17 3.62 -2.32
CA ALA B 303 0.02 4.43 -2.54
C ALA B 303 -0.25 5.92 -2.66
N ALA B 304 -1.47 6.37 -2.45
CA ALA B 304 -1.74 7.80 -2.36
C ALA B 304 -0.86 8.45 -1.30
N ILE B 305 -0.65 7.76 -0.19
CA ILE B 305 0.24 8.29 0.82
C ILE B 305 1.68 8.59 0.28
N ASP B 306 2.22 7.72 -0.58
CA ASP B 306 3.57 7.89 -1.18
C ASP B 306 3.66 9.18 -1.99
N ILE B 307 2.76 9.35 -2.95
CA ILE B 307 2.60 10.60 -3.69
C ILE B 307 2.55 11.84 -2.74
N LEU B 308 1.82 11.73 -1.66
CA LEU B 308 1.63 12.85 -0.76
C LEU B 308 2.89 13.11 0.07
N LYS B 309 3.58 12.03 0.43
CA LYS B 309 4.79 12.13 1.24
C LYS B 309 5.86 12.88 0.43
N GLU B 310 6.13 12.42 -0.76
CA GLU B 310 7.28 12.86 -1.49
C GLU B 310 7.09 14.21 -2.22
N GLU B 311 5.88 14.75 -2.26
CA GLU B 311 5.62 16.07 -2.86
C GLU B 311 5.01 17.14 -1.98
N PHE B 312 4.13 16.78 -1.04
CA PHE B 312 3.34 17.77 -0.30
C PHE B 312 3.61 17.77 1.19
N GLY B 313 4.18 16.68 1.73
CA GLY B 313 4.37 16.53 3.17
C GLY B 313 5.18 17.62 3.85
N TRP B 314 6.28 18.04 3.19
CA TRP B 314 7.18 19.13 3.65
C TRP B 314 6.43 20.40 4.07
N ALA B 315 5.29 20.65 3.41
CA ALA B 315 4.51 21.90 3.57
C ALA B 315 3.61 22.02 4.79
N LEU B 316 3.37 20.88 5.47
CA LEU B 316 2.37 20.79 6.56
C LEU B 316 2.90 21.18 7.96
N LYS B 317 4.21 21.48 8.06
CA LYS B 317 4.74 22.22 9.23
C LYS B 317 4.43 23.76 9.12
N TYR B 318 4.26 24.28 7.91
CA TYR B 318 3.99 25.72 7.71
C TYR B 318 2.49 25.96 7.59
N LYS B 319 2.08 27.17 7.99
CA LYS B 319 0.77 27.74 7.64
C LYS B 319 0.64 27.89 6.10
N GLU B 320 -0.54 28.31 5.69
CA GLU B 320 -0.87 28.42 4.26
C GLU B 320 -0.08 29.62 3.67
N PRO B 321 0.54 29.47 2.48
CA PRO B 321 1.43 30.49 1.98
C PRO B 321 0.78 31.77 1.54
N TRP B 322 -0.54 31.84 1.64
CA TRP B 322 -1.26 33.09 1.47
C TRP B 322 -1.74 33.70 2.78
N GLU B 323 -1.37 33.13 3.94
CA GLU B 323 -1.83 33.65 5.25
C GLU B 323 -0.85 34.71 5.82
N ASP B 324 -1.39 35.59 6.66
CA ASP B 324 -0.64 36.73 7.22
C ASP B 324 0.42 36.32 8.23
N ALA C 3 25.32 -10.80 -36.08
CA ALA C 3 24.97 -11.82 -37.11
C ALA C 3 25.71 -13.17 -36.92
N MET C 4 26.77 -13.23 -36.08
CA MET C 4 27.48 -14.49 -35.68
C MET C 4 27.11 -15.02 -34.27
N ILE C 5 26.01 -15.77 -34.18
CA ILE C 5 25.43 -16.18 -32.90
C ILE C 5 25.75 -17.65 -32.64
N VAL C 6 26.42 -17.91 -31.51
CA VAL C 6 26.80 -19.26 -31.10
C VAL C 6 25.59 -20.16 -30.91
N LYS C 7 25.78 -21.46 -31.17
CA LYS C 7 24.67 -22.40 -31.19
C LYS C 7 23.95 -22.50 -29.84
N GLU C 8 24.65 -22.22 -28.74
CA GLU C 8 24.09 -22.36 -27.38
C GLU C 8 22.85 -21.45 -27.16
N VAL C 9 22.94 -20.21 -27.69
CA VAL C 9 21.86 -19.25 -27.69
C VAL C 9 20.65 -19.85 -28.42
N TYR C 10 20.84 -20.39 -29.63
CA TYR C 10 19.71 -21.01 -30.39
C TYR C 10 19.11 -22.18 -29.63
N GLU C 11 19.94 -23.06 -29.07
CA GLU C 11 19.44 -24.18 -28.26
C GLU C 11 18.62 -23.69 -27.06
N THR C 12 19.18 -22.75 -26.32
CA THR C 12 18.51 -22.17 -25.17
C THR C 12 17.16 -21.57 -25.53
N ALA C 13 17.09 -20.81 -26.64
CA ALA C 13 15.84 -20.22 -27.07
C ALA C 13 14.78 -21.29 -27.34
N GLU C 14 15.21 -22.38 -28.00
CA GLU C 14 14.33 -23.46 -28.40
C GLU C 14 13.84 -24.25 -27.21
N LYS C 15 14.69 -24.40 -26.20
CA LYS C 15 14.34 -25.14 -24.98
C LYS C 15 13.47 -24.33 -24.02
N ILE C 16 13.58 -23.01 -24.12
CA ILE C 16 12.64 -22.13 -23.46
C ILE C 16 11.26 -22.23 -24.13
N LYS C 17 11.23 -22.28 -25.47
CA LYS C 17 9.98 -22.37 -26.25
C LYS C 17 9.23 -23.65 -26.03
N SER C 18 9.96 -24.77 -26.10
CA SER C 18 9.40 -26.08 -25.86
C SER C 18 9.12 -26.39 -24.35
N MET C 19 9.49 -25.49 -23.41
CA MET C 19 9.35 -25.71 -21.95
C MET C 19 10.14 -26.86 -21.36
N GLU C 20 11.14 -27.34 -22.08
CA GLU C 20 12.18 -28.21 -21.54
C GLU C 20 12.97 -27.46 -20.42
N ILE C 21 13.17 -26.14 -20.62
CA ILE C 21 13.63 -25.19 -19.56
C ILE C 21 12.42 -24.31 -19.18
N ARG C 22 11.94 -24.40 -17.95
CA ARG C 22 10.67 -23.77 -17.57
C ARG C 22 10.77 -23.30 -16.13
N GLY C 23 9.73 -22.62 -15.62
CA GLY C 23 9.81 -21.91 -14.33
C GLY C 23 10.48 -20.58 -14.59
N ALA C 24 9.90 -19.50 -14.07
CA ALA C 24 10.34 -18.15 -14.38
C ALA C 24 11.79 -17.78 -13.99
N GLY C 25 12.24 -18.18 -12.80
CA GLY C 25 13.61 -17.95 -12.34
C GLY C 25 14.67 -18.74 -13.14
N ARG C 26 14.38 -19.98 -13.44
CA ARG C 26 15.27 -20.84 -14.22
C ARG C 26 15.41 -20.38 -15.69
N ILE C 27 14.32 -19.88 -16.26
CA ILE C 27 14.31 -19.31 -17.58
C ILE C 27 15.22 -18.11 -17.61
N ALA C 28 15.05 -17.24 -16.61
CA ALA C 28 15.88 -16.07 -16.48
C ALA C 28 17.39 -16.42 -16.43
N ARG C 29 17.71 -17.46 -15.68
CA ARG C 29 19.10 -17.82 -15.44
C ARG C 29 19.66 -18.39 -16.70
N ALA C 30 18.84 -19.14 -17.46
CA ALA C 30 19.26 -19.71 -18.72
C ALA C 30 19.49 -18.68 -19.80
N ALA C 31 18.75 -17.57 -19.76
CA ALA C 31 18.98 -16.49 -20.70
C ALA C 31 20.29 -15.76 -20.40
N ALA C 32 20.54 -15.46 -19.12
CA ALA C 32 21.83 -14.90 -18.71
C ALA C 32 22.99 -15.83 -19.10
N GLN C 33 22.79 -17.13 -18.91
CA GLN C 33 23.76 -18.16 -19.21
C GLN C 33 24.16 -18.15 -20.69
N ALA C 34 23.17 -18.11 -21.58
CA ALA C 34 23.32 -17.91 -23.02
C ALA C 34 24.03 -16.63 -23.41
N LEU C 35 23.69 -15.49 -22.81
CA LEU C 35 24.44 -14.26 -23.05
C LEU C 35 25.91 -14.42 -22.63
N MET C 36 26.13 -15.17 -21.54
CA MET C 36 27.46 -15.44 -21.03
C MET C 36 28.27 -16.27 -22.03
N ILE C 37 27.73 -17.39 -22.49
CA ILE C 37 28.40 -18.22 -23.49
C ILE C 37 28.64 -17.48 -24.84
N GLN C 38 27.69 -16.66 -25.28
CA GLN C 38 27.90 -15.81 -26.47
C GLN C 38 29.12 -14.88 -26.31
N ALA C 39 29.27 -14.24 -25.14
CA ALA C 39 30.42 -13.44 -24.85
C ALA C 39 31.73 -14.29 -24.87
N GLU C 40 31.82 -15.29 -24.01
CA GLU C 40 32.96 -16.25 -23.95
C GLU C 40 33.46 -16.66 -25.33
N LYS C 41 32.58 -17.30 -26.14
CA LYS C 41 32.89 -17.93 -27.47
C LYS C 41 32.92 -17.06 -28.75
N SER C 42 32.64 -15.75 -28.59
CA SER C 42 32.58 -14.81 -29.73
C SER C 42 33.93 -14.74 -30.46
N LYS C 43 33.88 -14.44 -31.74
CA LYS C 43 35.08 -14.29 -32.54
C LYS C 43 35.07 -12.90 -33.13
N ALA C 44 34.76 -11.95 -32.28
CA ALA C 44 34.56 -10.56 -32.66
C ALA C 44 35.88 -9.79 -32.47
N LYS C 45 36.25 -9.06 -33.52
CA LYS C 45 37.47 -8.28 -33.53
C LYS C 45 37.23 -7.00 -32.77
N GLU C 46 36.15 -6.33 -33.14
CA GLU C 46 35.82 -5.02 -32.61
C GLU C 46 34.94 -5.14 -31.34
N PRO C 47 34.95 -4.13 -30.44
CA PRO C 47 33.90 -4.01 -29.41
C PRO C 47 32.47 -3.71 -29.94
N GLU C 48 32.32 -3.43 -31.23
CA GLU C 48 31.03 -3.17 -31.83
C GLU C 48 30.41 -4.43 -32.43
N GLU C 49 31.26 -5.37 -32.76
CA GLU C 49 30.84 -6.62 -33.34
C GLU C 49 30.33 -7.47 -32.20
N LEU C 50 30.92 -7.31 -31.01
CA LEU C 50 30.45 -8.05 -29.85
C LEU C 50 29.10 -7.47 -29.40
N TRP C 51 29.06 -6.15 -29.19
CA TRP C 51 27.83 -5.42 -28.95
C TRP C 51 26.70 -5.95 -29.83
N ASN C 52 26.96 -6.00 -31.14
CA ASN C 52 25.91 -6.34 -32.09
C ASN C 52 25.38 -7.78 -31.93
N GLU C 53 26.29 -8.71 -31.63
CA GLU C 53 25.92 -10.08 -31.31
C GLU C 53 25.05 -10.23 -30.06
N LEU C 54 25.35 -9.44 -29.03
CA LEU C 54 24.71 -9.58 -27.73
C LEU C 54 23.27 -9.05 -27.82
N LYS C 55 23.15 -7.86 -28.40
CA LYS C 55 21.89 -7.26 -28.84
C LYS C 55 20.99 -8.24 -29.57
N VAL C 56 21.57 -8.94 -30.56
CA VAL C 56 20.85 -9.93 -31.39
C VAL C 56 20.49 -11.17 -30.59
N ALA C 57 21.41 -11.66 -29.76
CA ALA C 57 21.15 -12.80 -28.87
C ALA C 57 20.03 -12.47 -27.89
N SER C 58 20.11 -11.28 -27.31
CA SER C 58 19.06 -10.76 -26.45
C SER C 58 17.67 -10.78 -27.11
N LYS C 59 17.56 -10.30 -28.35
CA LYS C 59 16.27 -10.29 -29.08
C LYS C 59 15.76 -11.70 -29.31
N ILE C 60 16.65 -12.59 -29.68
CA ILE C 60 16.26 -13.96 -29.86
C ILE C 60 15.71 -14.52 -28.55
N LEU C 61 16.40 -14.25 -27.45
CA LEU C 61 16.01 -14.81 -26.16
C LEU C 61 14.68 -14.21 -25.63
N TYR C 62 14.48 -12.93 -25.89
CA TYR C 62 13.29 -12.20 -25.49
C TYR C 62 12.08 -12.71 -26.23
N ASN C 63 12.25 -13.12 -27.50
CA ASN C 63 11.14 -13.59 -28.35
C ASN C 63 10.85 -15.10 -28.25
N THR C 64 10.86 -15.64 -27.03
CA THR C 64 10.62 -17.08 -26.80
C THR C 64 9.27 -17.27 -26.08
N ARG C 65 9.23 -16.81 -24.83
CA ARG C 65 8.04 -16.82 -24.00
C ARG C 65 7.85 -15.43 -23.41
N PRO C 66 6.63 -14.88 -23.54
CA PRO C 66 6.48 -13.46 -23.21
C PRO C 66 6.14 -13.19 -21.77
N THR C 67 5.55 -14.16 -21.07
CA THR C 67 4.73 -13.79 -19.93
C THR C 67 5.55 -13.57 -18.69
N ALA C 68 6.54 -14.42 -18.47
CA ALA C 68 7.38 -14.31 -17.28
C ALA C 68 8.44 -13.18 -17.43
N VAL C 69 8.23 -12.04 -16.78
CA VAL C 69 9.10 -10.87 -16.90
C VAL C 69 10.53 -11.16 -16.43
N SER C 70 10.71 -12.18 -15.60
CA SER C 70 12.05 -12.66 -15.22
C SER C 70 13.05 -12.70 -16.41
N LEU C 71 12.62 -13.35 -17.48
CA LEU C 71 13.40 -13.40 -18.73
C LEU C 71 13.93 -12.02 -19.18
N PRO C 72 13.04 -11.02 -19.41
CA PRO C 72 13.63 -9.73 -19.80
C PRO C 72 14.39 -8.99 -18.71
N ASN C 73 14.00 -9.13 -17.45
CA ASN C 73 14.73 -8.47 -16.38
C ASN C 73 16.18 -8.97 -16.25
N ALA C 74 16.41 -10.24 -16.64
CA ALA C 74 17.75 -10.83 -16.70
C ALA C 74 18.58 -10.29 -17.89
N LEU C 75 17.95 -10.20 -19.05
CA LEU C 75 18.61 -9.70 -20.25
C LEU C 75 18.92 -8.24 -19.99
N ARG C 76 18.02 -7.50 -19.34
CA ARG C 76 18.24 -6.14 -18.94
C ARG C 76 19.39 -5.98 -18.02
N TYR C 77 19.46 -6.85 -17.03
CA TYR C 77 20.46 -6.70 -15.99
C TYR C 77 21.86 -6.73 -16.64
N VAL C 78 22.08 -7.73 -17.48
CA VAL C 78 23.30 -7.80 -18.26
C VAL C 78 23.44 -6.60 -19.23
N MET C 79 22.44 -6.36 -20.06
CA MET C 79 22.64 -5.48 -21.18
C MET C 79 22.68 -4.01 -20.81
N HIS C 80 22.12 -3.62 -19.65
CA HIS C 80 22.27 -2.24 -19.15
C HIS C 80 23.76 -1.89 -18.90
N ARG C 81 24.49 -2.91 -18.41
CA ARG C 81 25.86 -2.84 -18.01
C ARG C 81 26.82 -2.94 -19.20
N VAL C 82 26.49 -3.87 -20.10
CA VAL C 82 27.16 -4.05 -21.40
C VAL C 82 26.99 -2.82 -22.25
N LYS C 83 25.78 -2.29 -22.30
CA LYS C 83 25.53 -1.05 -23.02
C LYS C 83 26.32 0.16 -22.47
N ALA C 84 26.30 0.36 -21.15
CA ALA C 84 26.99 1.53 -20.53
C ALA C 84 28.48 1.45 -20.73
N ALA C 85 29.00 0.23 -20.74
CA ALA C 85 30.40 -0.04 -21.01
C ALA C 85 30.74 0.41 -22.45
N TYR C 86 30.04 -0.16 -23.43
CA TYR C 86 30.30 0.13 -24.86
C TYR C 86 30.14 1.60 -25.22
N LEU C 87 29.20 2.29 -24.55
CA LEU C 87 28.99 3.73 -24.72
C LEU C 87 29.98 4.65 -23.95
N GLY C 88 30.82 4.08 -23.09
CA GLY C 88 31.91 4.82 -22.50
C GLY C 88 33.19 4.47 -23.22
N GLY C 89 33.06 3.90 -24.42
CA GLY C 89 34.19 3.56 -25.27
C GLY C 89 35.03 2.40 -24.77
N ALA C 90 34.41 1.46 -24.07
CA ALA C 90 35.13 0.28 -23.61
C ALA C 90 35.70 -0.45 -24.81
N ASP C 91 36.89 -1.01 -24.65
CA ASP C 91 37.52 -1.80 -25.72
C ASP C 91 36.97 -3.20 -25.62
N LEU C 92 37.41 -4.09 -26.49
CA LEU C 92 36.85 -5.45 -26.60
C LEU C 92 36.80 -6.19 -25.29
N GLU C 93 37.90 -6.79 -24.83
CA GLU C 93 37.81 -7.77 -23.71
C GLU C 93 37.19 -7.19 -22.42
N THR C 94 37.11 -5.87 -22.32
CA THR C 94 36.37 -5.15 -21.27
C THR C 94 34.84 -5.26 -21.42
N LEU C 95 34.36 -5.22 -22.66
CA LEU C 95 32.96 -5.52 -22.94
C LEU C 95 32.66 -6.99 -22.67
N ARG C 96 33.49 -7.89 -23.20
CA ARG C 96 33.30 -9.35 -23.06
C ARG C 96 33.23 -9.75 -21.62
N PHE C 97 34.15 -9.23 -20.81
CA PHE C 97 34.13 -9.51 -19.40
C PHE C 97 32.84 -8.91 -18.76
N THR C 98 32.49 -7.65 -19.07
CA THR C 98 31.24 -7.04 -18.54
C THR C 98 29.99 -7.94 -18.71
N ALA C 99 29.81 -8.45 -19.92
CA ALA C 99 28.71 -9.36 -20.23
C ALA C 99 28.85 -10.67 -19.48
N ILE C 100 30.05 -11.25 -19.49
CA ILE C 100 30.35 -12.49 -18.74
C ILE C 100 30.08 -12.33 -17.21
N ASN C 101 30.43 -11.18 -16.65
CA ASN C 101 30.32 -10.97 -15.21
C ASN C 101 28.98 -10.36 -14.75
N SER C 102 28.23 -9.79 -15.69
CA SER C 102 26.89 -9.43 -15.40
C SER C 102 26.07 -10.71 -15.35
N ALA C 103 26.31 -11.63 -16.27
CA ALA C 103 25.61 -12.92 -16.29
C ALA C 103 25.82 -13.67 -14.97
N LYS C 104 27.06 -14.02 -14.66
CA LYS C 104 27.38 -14.72 -13.41
C LYS C 104 26.77 -14.05 -12.15
N GLU C 105 26.80 -12.73 -12.11
CA GLU C 105 26.32 -11.96 -10.99
C GLU C 105 24.79 -12.09 -10.80
N PHE C 106 24.05 -11.99 -11.91
CA PHE C 106 22.60 -12.21 -11.88
C PHE C 106 22.30 -13.65 -11.49
N ILE C 107 22.99 -14.58 -12.11
CA ILE C 107 22.80 -16.02 -11.87
C ILE C 107 23.01 -16.40 -10.41
N TYR C 108 24.04 -15.83 -9.77
CA TYR C 108 24.33 -16.11 -8.37
C TYR C 108 23.31 -15.42 -7.46
N ASN C 109 22.94 -14.18 -7.77
CA ASN C 109 21.93 -13.43 -7.02
C ASN C 109 20.53 -14.04 -7.09
N SER C 110 20.22 -14.69 -8.21
CA SER C 110 19.02 -15.49 -8.33
C SER C 110 19.05 -16.64 -7.34
N GLU C 111 20.09 -17.47 -7.37
CA GLU C 111 20.25 -18.56 -6.39
C GLU C 111 20.15 -18.09 -4.93
N LYS C 112 20.76 -16.96 -4.60
CA LYS C 112 20.71 -16.44 -3.22
C LYS C 112 19.34 -15.88 -2.86
N ALA C 113 18.61 -15.34 -3.83
CA ALA C 113 17.35 -14.70 -3.53
C ALA C 113 16.36 -15.83 -3.15
N ILE C 114 16.46 -16.95 -3.84
CA ILE C 114 15.57 -18.09 -3.69
C ILE C 114 15.79 -18.82 -2.38
N GLU C 115 17.04 -18.91 -1.94
CA GLU C 115 17.38 -19.56 -0.68
C GLU C 115 16.94 -18.64 0.43
N ARG C 116 17.10 -17.34 0.26
CA ARG C 116 16.62 -16.35 1.27
C ARG C 116 15.05 -16.26 1.41
N ILE C 117 14.36 -16.41 0.29
CA ILE C 117 12.91 -16.48 0.25
C ILE C 117 12.41 -17.71 1.01
N GLY C 118 13.10 -18.82 0.85
CA GLY C 118 12.92 -19.94 1.74
C GLY C 118 12.92 -19.61 3.22
N GLU C 119 13.93 -18.86 3.64
CA GLU C 119 14.20 -18.62 5.05
C GLU C 119 13.21 -17.69 5.62
N ILE C 120 12.90 -16.64 4.86
CA ILE C 120 11.86 -15.67 5.24
C ILE C 120 10.45 -16.31 5.21
N GLY C 121 10.13 -17.01 4.12
CA GLY C 121 8.85 -17.72 3.98
C GLY C 121 8.52 -18.83 5.00
N ALA C 122 9.53 -19.63 5.34
CA ALA C 122 9.35 -20.70 6.29
C ALA C 122 8.91 -20.23 7.66
N LYS C 123 9.25 -19.02 8.07
CA LYS C 123 8.79 -18.48 9.35
C LYS C 123 7.27 -18.30 9.46
N ARG C 124 6.59 -18.18 8.30
CA ARG C 124 5.16 -18.08 8.29
C ARG C 124 4.45 -19.41 8.24
N ILE C 125 5.20 -20.49 8.16
CA ILE C 125 4.66 -21.85 8.27
C ILE C 125 4.83 -22.30 9.71
N GLU C 126 3.85 -23.05 10.19
CA GLU C 126 3.73 -23.42 11.61
C GLU C 126 3.63 -24.91 11.68
N ASP C 127 4.09 -25.49 12.79
CA ASP C 127 4.12 -26.94 12.94
C ASP C 127 2.70 -27.45 12.69
N GLY C 128 2.61 -28.56 11.97
CA GLY C 128 1.32 -29.16 11.63
C GLY C 128 0.65 -28.66 10.36
N ASP C 129 1.14 -27.53 9.82
CA ASP C 129 0.47 -26.86 8.71
C ASP C 129 0.27 -27.83 7.55
N ILE C 130 -0.90 -27.72 6.92
CA ILE C 130 -1.11 -28.29 5.60
C ILE C 130 -1.03 -27.15 4.61
N ILE C 131 -0.29 -27.36 3.51
CA ILE C 131 0.00 -26.28 2.57
C ILE C 131 -0.44 -26.72 1.22
N MET C 132 -1.19 -25.88 0.56
CA MET C 132 -1.53 -26.14 -0.83
C MET C 132 -0.62 -25.28 -1.73
N THR C 133 -0.15 -25.85 -2.82
CA THR C 133 0.58 -25.12 -3.86
C THR C 133 -0.02 -25.44 -5.24
N HIS C 134 0.61 -24.89 -6.26
CA HIS C 134 0.11 -25.00 -7.62
C HIS C 134 1.33 -24.88 -8.50
N CYS C 135 1.27 -25.52 -9.63
CA CYS C 135 2.42 -25.59 -10.54
C CYS C 135 3.63 -26.12 -9.74
N HIS C 136 4.83 -25.77 -10.25
CA HIS C 136 6.10 -26.11 -9.64
C HIS C 136 6.90 -24.82 -9.59
N SER C 137 7.04 -24.27 -8.39
CA SER C 137 7.74 -23.03 -8.22
C SER C 137 8.87 -23.26 -7.23
N LYS C 138 10.10 -22.94 -7.69
CA LYS C 138 11.33 -23.14 -6.90
C LYS C 138 11.36 -22.21 -5.74
N ALA C 139 10.82 -21.01 -5.87
CA ALA C 139 10.66 -20.11 -4.72
C ALA C 139 9.67 -20.65 -3.69
N ALA C 140 8.47 -21.06 -4.17
CA ALA C 140 7.45 -21.70 -3.29
C ALA C 140 8.05 -22.94 -2.60
N ILE C 141 8.75 -23.78 -3.36
CA ILE C 141 9.36 -25.02 -2.86
C ILE C 141 10.43 -24.76 -1.82
N SER C 142 11.19 -23.67 -1.98
CA SER C 142 12.22 -23.30 -1.02
C SER C 142 11.60 -23.02 0.34
N VAL C 143 10.44 -22.37 0.35
CA VAL C 143 9.69 -22.08 1.60
C VAL C 143 9.27 -23.40 2.29
N MET C 144 8.70 -24.27 1.52
CA MET C 144 8.22 -25.53 2.03
C MET C 144 9.35 -26.41 2.51
N LYS C 145 10.44 -26.49 1.75
CA LYS C 145 11.63 -27.30 2.09
C LYS C 145 12.36 -26.82 3.39
N LYS C 146 12.58 -25.53 3.48
CA LYS C 146 13.15 -24.97 4.67
C LYS C 146 12.29 -25.24 5.89
N ALA C 147 10.97 -25.05 5.81
CA ALA C 147 10.11 -25.32 6.97
C ALA C 147 10.16 -26.79 7.44
N PHE C 148 10.22 -27.73 6.51
CA PHE C 148 10.41 -29.14 6.84
C PHE C 148 11.79 -29.45 7.44
N GLU C 149 12.79 -28.67 7.01
CA GLU C 149 14.14 -28.70 7.56
C GLU C 149 14.20 -28.18 8.97
N GLN C 150 13.37 -27.22 9.28
CA GLN C 150 13.17 -26.77 10.67
C GLN C 150 12.43 -27.79 11.53
N GLY C 151 11.97 -28.90 10.93
CA GLY C 151 11.34 -29.98 11.71
C GLY C 151 9.88 -29.74 12.04
N LYS C 152 9.28 -28.69 11.47
CA LYS C 152 7.83 -28.54 11.48
C LYS C 152 7.26 -29.70 10.68
N ASN C 153 6.21 -30.33 11.17
CA ASN C 153 5.57 -31.44 10.44
C ASN C 153 4.54 -30.81 9.56
N ILE C 154 4.76 -30.90 8.26
CA ILE C 154 3.86 -30.31 7.29
C ILE C 154 3.46 -31.38 6.32
N LYS C 155 2.40 -31.10 5.59
CA LYS C 155 1.98 -31.93 4.47
C LYS C 155 1.75 -30.96 3.34
N VAL C 156 2.06 -31.36 2.10
CA VAL C 156 1.77 -30.48 0.99
C VAL C 156 0.75 -31.10 0.07
N ILE C 157 -0.33 -30.34 -0.13
CA ILE C 157 -1.29 -30.58 -1.19
C ILE C 157 -0.76 -29.96 -2.50
N VAL C 158 -0.56 -30.83 -3.46
CA VAL C 158 -0.05 -30.52 -4.77
C VAL C 158 -1.16 -30.74 -5.79
N THR C 159 -1.50 -29.65 -6.48
CA THR C 159 -2.49 -29.70 -7.54
C THR C 159 -1.74 -30.10 -8.79
N GLU C 160 -2.31 -31.02 -9.56
CA GLU C 160 -1.58 -31.61 -10.68
C GLU C 160 -1.12 -30.63 -11.76
N THR C 161 -1.83 -29.51 -11.86
CA THR C 161 -1.53 -28.40 -12.76
C THR C 161 -1.57 -28.77 -14.23
N ARG C 162 -2.79 -28.99 -14.71
CA ARG C 162 -2.97 -29.19 -16.14
C ARG C 162 -2.64 -27.90 -16.90
N PRO C 163 -2.30 -28.00 -18.18
CA PRO C 163 -2.26 -29.23 -18.97
C PRO C 163 -0.93 -29.94 -19.01
N LYS C 164 0.15 -29.22 -18.67
CA LYS C 164 1.50 -29.70 -18.79
C LYS C 164 2.02 -30.50 -17.59
N TRP C 165 1.18 -30.72 -16.57
CA TRP C 165 1.47 -31.64 -15.47
C TRP C 165 2.60 -31.24 -14.58
N GLN C 166 2.86 -29.94 -14.42
CA GLN C 166 3.95 -29.47 -13.57
C GLN C 166 3.85 -29.99 -12.15
N GLY C 167 2.64 -30.27 -11.70
CA GLY C 167 2.37 -30.75 -10.35
C GLY C 167 3.05 -32.07 -10.08
N LYS C 168 3.28 -32.86 -11.13
CA LYS C 168 4.03 -34.10 -10.96
C LYS C 168 5.47 -33.83 -10.57
N ILE C 169 6.07 -32.76 -11.11
CA ILE C 169 7.49 -32.45 -10.82
C ILE C 169 7.65 -32.09 -9.34
N THR C 170 6.68 -31.33 -8.87
CA THR C 170 6.56 -30.88 -7.50
C THR C 170 6.32 -32.00 -6.50
N ALA C 171 5.43 -32.92 -6.83
CA ALA C 171 5.11 -34.05 -5.98
C ALA C 171 6.35 -34.89 -5.69
N LYS C 172 7.11 -35.18 -6.75
CA LYS C 172 8.35 -35.97 -6.62
C LYS C 172 9.44 -35.16 -5.96
N GLU C 173 9.58 -33.88 -6.32
CA GLU C 173 10.59 -33.10 -5.71
C GLU C 173 10.39 -33.13 -4.18
N LEU C 174 9.20 -32.76 -3.69
CA LEU C 174 8.92 -32.70 -2.22
C LEU C 174 8.98 -34.06 -1.51
N ALA C 175 8.40 -35.07 -2.14
CA ALA C 175 8.52 -36.41 -1.62
C ALA C 175 9.98 -36.78 -1.47
N SER C 176 10.85 -36.36 -2.40
CA SER C 176 12.31 -36.65 -2.32
C SER C 176 13.02 -36.02 -1.11
N TYR C 177 12.52 -34.91 -0.55
CA TYR C 177 13.03 -34.38 0.74
C TYR C 177 12.36 -34.95 1.98
N GLY C 178 11.48 -35.94 1.80
CA GLY C 178 10.76 -36.55 2.94
C GLY C 178 9.53 -35.79 3.45
N ILE C 179 8.98 -34.90 2.61
CA ILE C 179 7.76 -34.13 2.92
C ILE C 179 6.58 -34.91 2.41
N PRO C 180 5.67 -35.37 3.29
CA PRO C 180 4.43 -36.03 2.82
C PRO C 180 3.65 -35.16 1.83
N VAL C 181 3.27 -35.75 0.70
CA VAL C 181 2.51 -35.10 -0.34
C VAL C 181 1.11 -35.74 -0.49
N ILE C 182 0.12 -34.87 -0.65
CA ILE C 182 -1.21 -35.22 -1.05
C ILE C 182 -1.39 -34.67 -2.46
N TYR C 183 -1.54 -35.54 -3.44
CA TYR C 183 -1.72 -35.12 -4.85
C TYR C 183 -3.18 -35.23 -5.30
N ILE C 184 -3.70 -34.17 -5.94
CA ILE C 184 -5.10 -34.03 -6.31
C ILE C 184 -5.22 -33.34 -7.67
N VAL C 185 -6.36 -33.52 -8.36
CA VAL C 185 -6.70 -32.67 -9.54
C VAL C 185 -6.98 -31.18 -9.18
N ASP C 186 -6.74 -30.28 -10.13
CA ASP C 186 -6.96 -28.83 -9.87
C ASP C 186 -8.41 -28.53 -9.38
N SER C 187 -9.39 -29.15 -10.02
CA SER C 187 -10.83 -29.04 -9.69
C SER C 187 -11.14 -29.30 -8.22
N ALA C 188 -10.23 -30.00 -7.52
CA ALA C 188 -10.46 -30.38 -6.13
C ALA C 188 -9.97 -29.40 -5.09
N ALA C 189 -9.54 -28.21 -5.52
CA ALA C 189 -8.93 -27.24 -4.61
C ALA C 189 -9.88 -26.67 -3.63
N ARG C 190 -11.12 -26.43 -4.03
CA ARG C 190 -12.09 -25.96 -3.05
C ARG C 190 -12.44 -27.03 -2.04
N HIS C 191 -12.66 -28.23 -2.52
CA HIS C 191 -12.99 -29.36 -1.65
C HIS C 191 -11.94 -29.51 -0.52
N TYR C 192 -10.67 -29.21 -0.80
CA TYR C 192 -9.64 -29.46 0.21
C TYR C 192 -9.16 -28.19 0.85
N MET C 193 -9.82 -27.08 0.57
CA MET C 193 -9.37 -25.82 1.08
C MET C 193 -9.73 -25.74 2.55
N LYS C 194 -10.83 -26.40 2.95
CA LYS C 194 -11.19 -26.48 4.36
C LYS C 194 -10.12 -27.11 5.24
N MET C 195 -9.38 -28.07 4.73
CA MET C 195 -8.36 -28.75 5.52
C MET C 195 -6.96 -28.11 5.34
N THR C 196 -6.87 -27.13 4.42
CA THR C 196 -5.65 -26.42 4.13
C THR C 196 -5.47 -25.30 5.10
N ASP C 197 -4.23 -25.07 5.54
CA ASP C 197 -3.89 -23.96 6.48
C ASP C 197 -3.19 -22.78 5.83
N LYS C 198 -2.37 -23.05 4.81
CA LYS C 198 -1.63 -21.99 4.13
C LYS C 198 -1.59 -22.34 2.70
N VAL C 199 -1.61 -21.33 1.81
CA VAL C 199 -1.36 -21.58 0.40
C VAL C 199 -0.05 -20.85 0.01
N VAL C 200 0.82 -21.54 -0.71
CA VAL C 200 2.12 -20.95 -1.11
C VAL C 200 2.34 -21.21 -2.60
N MET C 201 2.39 -20.14 -3.40
CA MET C 201 2.64 -20.28 -4.84
C MET C 201 3.68 -19.29 -5.31
N GLY C 202 4.18 -19.53 -6.53
CA GLY C 202 5.19 -18.70 -7.16
C GLY C 202 4.56 -17.60 -7.98
N ALA C 203 5.33 -17.06 -8.91
CA ALA C 203 4.92 -15.95 -9.72
C ALA C 203 5.82 -15.81 -10.97
N ASP C 204 5.19 -15.48 -12.08
CA ASP C 204 5.87 -15.16 -13.32
C ASP C 204 6.02 -13.69 -13.54
N SER C 205 5.03 -12.91 -13.13
CA SER C 205 5.12 -11.46 -13.17
C SER C 205 4.24 -10.86 -12.09
N ILE C 206 4.61 -9.70 -11.60
CA ILE C 206 3.88 -9.06 -10.56
C ILE C 206 3.81 -7.60 -10.94
N THR C 207 2.60 -7.06 -10.92
CA THR C 207 2.35 -5.79 -11.56
C THR C 207 2.46 -4.75 -10.49
N ALA C 208 2.36 -3.51 -10.91
CA ALA C 208 2.54 -2.35 -10.10
C ALA C 208 1.41 -2.13 -9.09
N ASN C 209 0.25 -2.77 -9.29
CA ASN C 209 -0.81 -2.62 -8.31
C ASN C 209 -0.92 -3.85 -7.41
N GLY C 210 -0.06 -4.81 -7.63
CA GLY C 210 0.02 -5.96 -6.79
C GLY C 210 -0.55 -7.23 -7.39
N ALA C 211 -1.08 -7.19 -8.61
CA ALA C 211 -1.62 -8.42 -9.21
C ALA C 211 -0.52 -9.41 -9.51
N VAL C 212 -0.83 -10.69 -9.46
CA VAL C 212 0.18 -11.69 -9.65
C VAL C 212 -0.22 -12.56 -10.82
N ILE C 213 0.67 -12.61 -11.81
CA ILE C 213 0.44 -13.40 -12.99
C ILE C 213 1.17 -14.70 -12.69
N ASN C 214 0.48 -15.84 -12.77
CA ASN C 214 1.13 -17.13 -12.50
C ASN C 214 0.31 -18.23 -13.19
N LYS C 215 0.77 -19.46 -13.13
CA LYS C 215 0.22 -20.59 -13.89
C LYS C 215 -1.30 -20.58 -13.85
N ILE C 216 -1.94 -20.86 -15.00
CA ILE C 216 -3.39 -20.99 -15.13
C ILE C 216 -3.91 -21.86 -13.99
N GLY C 217 -4.88 -21.30 -13.26
CA GLY C 217 -5.45 -21.93 -12.07
C GLY C 217 -5.15 -21.21 -10.78
N THR C 218 -4.13 -20.37 -10.82
CA THR C 218 -3.62 -19.77 -9.61
C THR C 218 -4.67 -18.90 -9.00
N SER C 219 -5.36 -18.11 -9.83
CA SER C 219 -6.44 -17.24 -9.35
C SER C 219 -7.61 -17.98 -8.75
N LEU C 220 -7.86 -19.21 -9.18
CA LEU C 220 -8.95 -19.96 -8.62
C LEU C 220 -8.60 -20.42 -7.25
N ILE C 221 -7.37 -20.89 -7.09
CA ILE C 221 -6.92 -21.31 -5.76
C ILE C 221 -6.98 -20.11 -4.82
N ALA C 222 -6.53 -18.93 -5.28
CA ALA C 222 -6.49 -17.76 -4.43
C ALA C 222 -7.86 -17.32 -3.95
N LEU C 223 -8.80 -17.37 -4.89
CA LEU C 223 -10.21 -17.02 -4.66
C LEU C 223 -10.88 -17.88 -3.54
N THR C 224 -10.72 -19.19 -3.60
CA THR C 224 -11.39 -20.04 -2.60
C THR C 224 -10.59 -20.01 -1.31
N ALA C 225 -9.27 -19.79 -1.42
CA ALA C 225 -8.44 -19.46 -0.24
C ALA C 225 -8.94 -18.22 0.51
N LYS C 226 -9.24 -17.16 -0.21
CA LYS C 226 -9.83 -15.97 0.43
C LYS C 226 -11.17 -16.25 1.02
N GLU C 227 -11.98 -17.02 0.27
CA GLU C 227 -13.32 -17.43 0.74
C GLU C 227 -13.25 -18.11 2.12
N HIS C 228 -12.20 -18.89 2.34
CA HIS C 228 -12.02 -19.66 3.56
C HIS C 228 -11.08 -19.01 4.58
N ARG C 229 -10.64 -17.78 4.32
CA ARG C 229 -9.61 -17.09 5.12
C ARG C 229 -8.29 -17.90 5.32
N VAL C 230 -7.83 -18.59 4.30
CA VAL C 230 -6.54 -19.27 4.23
C VAL C 230 -5.56 -18.25 3.62
N TRP C 231 -4.46 -18.03 4.31
CA TRP C 231 -3.42 -17.07 3.83
C TRP C 231 -2.90 -17.53 2.49
N VAL C 232 -2.94 -16.62 1.53
CA VAL C 232 -2.27 -16.88 0.23
C VAL C 232 -0.91 -16.15 0.26
N MET C 233 0.16 -16.92 0.12
CA MET C 233 1.51 -16.36 0.17
C MET C 233 2.22 -16.61 -1.12
N ILE C 234 2.72 -15.54 -1.71
CA ILE C 234 3.40 -15.62 -2.96
C ILE C 234 4.91 -15.45 -2.79
N ALA C 235 5.68 -16.44 -3.23
CA ALA C 235 7.10 -16.43 -3.07
C ALA C 235 7.75 -16.02 -4.39
N ALA C 236 8.40 -14.84 -4.37
CA ALA C 236 8.75 -14.18 -5.62
C ALA C 236 9.96 -13.28 -5.49
N GLU C 237 10.99 -13.64 -6.23
CA GLU C 237 12.17 -12.80 -6.41
C GLU C 237 11.83 -11.39 -6.91
N THR C 238 12.64 -10.40 -6.56
CA THR C 238 12.45 -9.04 -7.05
C THR C 238 12.39 -8.97 -8.58
N TYR C 239 13.07 -9.86 -9.28
CA TYR C 239 13.08 -9.80 -10.75
C TYR C 239 11.82 -10.39 -11.41
N LYS C 240 10.81 -10.75 -10.62
CA LYS C 240 9.48 -11.11 -11.11
C LYS C 240 8.56 -9.89 -11.23
N PHE C 241 8.97 -8.79 -10.64
CA PHE C 241 8.17 -7.57 -10.67
C PHE C 241 8.31 -6.88 -12.05
N HIS C 242 7.19 -6.37 -12.60
CA HIS C 242 7.07 -6.07 -14.04
C HIS C 242 7.13 -4.55 -14.22
N PRO C 243 8.29 -4.04 -14.65
CA PRO C 243 8.46 -2.58 -14.66
C PRO C 243 7.57 -1.86 -15.67
N ALA C 244 7.32 -2.46 -16.82
CA ALA C 244 6.49 -1.80 -17.84
C ALA C 244 5.04 -1.54 -17.33
N THR C 245 4.56 -2.31 -16.34
CA THR C 245 3.21 -2.08 -15.75
C THR C 245 3.09 -0.77 -15.01
N MET C 246 4.24 -0.22 -14.60
CA MET C 246 4.30 1.12 -14.00
C MET C 246 3.82 2.19 -14.99
N LEU C 247 3.92 1.94 -16.30
CA LEU C 247 3.52 2.93 -17.32
C LEU C 247 2.29 2.55 -18.09
N GLY C 248 1.51 1.66 -17.47
CA GLY C 248 0.20 1.32 -17.91
C GLY C 248 0.14 0.01 -18.64
N GLN C 249 1.29 -0.58 -18.99
CA GLN C 249 1.22 -1.76 -19.80
C GLN C 249 0.54 -2.90 -19.07
N LEU C 250 -0.12 -3.74 -19.86
CA LEU C 250 -0.72 -4.97 -19.39
C LEU C 250 0.19 -6.11 -19.76
N VAL C 251 0.25 -7.12 -18.91
CA VAL C 251 1.05 -8.28 -19.18
C VAL C 251 0.28 -9.13 -20.16
N GLU C 252 1.00 -9.64 -21.16
CA GLU C 252 0.49 -10.57 -22.13
C GLU C 252 0.46 -12.00 -21.60
N ILE C 253 -0.63 -12.70 -21.91
CA ILE C 253 -0.88 -14.03 -21.45
C ILE C 253 -0.53 -15.01 -22.58
N GLU C 254 0.47 -15.85 -22.37
CA GLU C 254 0.86 -16.74 -23.41
C GLU C 254 -0.27 -17.75 -23.65
N MET C 255 -0.61 -17.94 -24.93
CA MET C 255 -1.50 -19.00 -25.41
C MET C 255 -0.61 -20.01 -26.11
N ARG C 256 -0.57 -21.22 -25.57
CA ARG C 256 0.30 -22.27 -26.07
C ARG C 256 -0.52 -23.24 -26.87
N ASP C 257 0.19 -24.20 -27.45
CA ASP C 257 -0.38 -25.09 -28.46
C ASP C 257 -1.57 -25.89 -27.95
N PRO C 258 -2.69 -25.92 -28.71
CA PRO C 258 -3.84 -26.78 -28.30
C PRO C 258 -3.49 -28.23 -28.04
N THR C 259 -2.44 -28.71 -28.67
CA THR C 259 -2.00 -30.08 -28.48
C THR C 259 -1.48 -30.43 -27.10
N GLU C 260 -1.07 -29.42 -26.33
CA GLU C 260 -0.79 -29.65 -24.88
C GLU C 260 -2.02 -30.12 -24.10
N VAL C 261 -3.21 -29.67 -24.54
CA VAL C 261 -4.45 -30.12 -23.93
C VAL C 261 -4.93 -31.49 -24.52
N ILE C 262 -5.14 -31.53 -25.82
CA ILE C 262 -5.54 -32.74 -26.51
C ILE C 262 -4.36 -33.15 -27.40
N PRO C 263 -3.74 -34.33 -27.15
CA PRO C 263 -2.64 -34.82 -28.02
C PRO C 263 -3.00 -34.75 -29.53
N GLU C 264 -1.99 -34.61 -30.40
CA GLU C 264 -2.19 -34.37 -31.84
C GLU C 264 -2.95 -35.50 -32.51
N GLU C 265 -2.62 -36.72 -32.14
CA GLU C 265 -3.36 -37.87 -32.59
C GLU C 265 -4.89 -37.74 -32.40
N GLU C 266 -5.35 -37.46 -31.17
CA GLU C 266 -6.79 -37.32 -30.84
C GLU C 266 -7.43 -36.08 -31.46
N LEU C 267 -6.73 -34.95 -31.41
CA LEU C 267 -7.29 -33.67 -31.87
C LEU C 267 -7.63 -33.66 -33.35
N ARG C 268 -6.86 -34.38 -34.18
CA ARG C 268 -7.14 -34.33 -35.62
C ARG C 268 -8.45 -35.01 -35.97
N THR C 269 -8.87 -35.96 -35.13
CA THR C 269 -10.16 -36.61 -35.30
C THR C 269 -11.32 -35.73 -34.86
N TRP C 270 -11.06 -34.66 -34.13
CA TRP C 270 -12.16 -33.80 -33.67
C TRP C 270 -12.58 -32.82 -34.75
N PRO C 271 -13.87 -32.39 -34.72
CA PRO C 271 -14.39 -31.43 -35.69
C PRO C 271 -13.83 -30.02 -35.57
N LYS C 272 -14.01 -29.24 -36.63
CA LYS C 272 -13.51 -27.88 -36.67
C LYS C 272 -14.24 -27.00 -35.66
N ASN C 273 -15.54 -27.23 -35.44
CA ASN C 273 -16.31 -26.32 -34.58
C ASN C 273 -16.04 -26.46 -33.07
N ILE C 274 -15.08 -27.31 -32.66
CA ILE C 274 -14.45 -27.23 -31.32
C ILE C 274 -13.11 -26.49 -31.36
N GLU C 275 -13.01 -25.33 -30.69
CA GLU C 275 -11.75 -24.63 -30.52
C GLU C 275 -11.17 -25.00 -29.14
N VAL C 276 -9.90 -25.40 -29.10
CA VAL C 276 -9.19 -25.62 -27.84
C VAL C 276 -8.35 -24.40 -27.46
N TRP C 277 -8.67 -23.77 -26.33
CA TRP C 277 -7.93 -22.61 -25.83
C TRP C 277 -7.06 -23.00 -24.66
N ASN C 278 -5.76 -22.67 -24.75
CA ASN C 278 -4.76 -23.07 -23.74
C ASN C 278 -3.95 -21.88 -23.19
N PRO C 279 -4.59 -21.10 -22.32
CA PRO C 279 -3.88 -20.03 -21.64
C PRO C 279 -2.93 -20.61 -20.61
N ALA C 280 -1.69 -20.16 -20.59
CA ALA C 280 -0.70 -20.74 -19.70
C ALA C 280 -0.63 -20.03 -18.37
N PHE C 281 -1.21 -18.84 -18.28
CA PHE C 281 -1.18 -18.05 -17.03
C PHE C 281 -2.56 -17.45 -16.81
N ASP C 282 -2.84 -17.03 -15.59
CA ASP C 282 -3.99 -16.18 -15.28
C ASP C 282 -3.54 -15.11 -14.28
N VAL C 283 -4.46 -14.24 -13.91
CA VAL C 283 -4.09 -13.09 -13.11
C VAL C 283 -4.95 -13.01 -11.86
N THR C 284 -4.26 -12.95 -10.72
CA THR C 284 -4.86 -12.90 -9.40
C THR C 284 -4.85 -11.46 -8.86
N PRO C 285 -6.01 -11.00 -8.38
CA PRO C 285 -5.96 -9.66 -7.84
C PRO C 285 -5.25 -9.60 -6.47
N PRO C 286 -4.70 -8.41 -6.12
CA PRO C 286 -3.91 -8.21 -4.93
C PRO C 286 -4.74 -8.44 -3.68
N GLU C 287 -6.02 -8.07 -3.69
CA GLU C 287 -6.89 -8.30 -2.53
C GLU C 287 -7.03 -9.74 -2.07
N TYR C 288 -6.63 -10.71 -2.88
CA TYR C 288 -6.61 -12.11 -2.48
C TYR C 288 -5.22 -12.62 -2.12
N ILE C 289 -4.25 -11.73 -1.99
CA ILE C 289 -2.88 -12.12 -1.66
C ILE C 289 -2.62 -11.53 -0.29
N ASP C 290 -2.24 -12.38 0.65
CA ASP C 290 -1.95 -11.96 2.02
C ASP C 290 -0.57 -11.31 2.04
N VAL C 291 0.47 -11.99 1.51
CA VAL C 291 1.84 -11.42 1.41
C VAL C 291 2.60 -11.86 0.14
N ILE C 292 3.58 -11.05 -0.25
CA ILE C 292 4.55 -11.48 -1.21
C ILE C 292 5.82 -11.59 -0.39
N ILE C 293 6.49 -12.72 -0.57
CA ILE C 293 7.72 -13.03 0.08
C ILE C 293 8.80 -12.84 -0.96
N THR C 294 9.57 -11.75 -0.83
CA THR C 294 10.75 -11.50 -1.70
C THR C 294 12.02 -11.80 -0.94
N GLU C 295 13.16 -11.73 -1.64
CA GLU C 295 14.46 -11.81 -0.98
C GLU C 295 14.76 -10.58 -0.14
N ARG C 296 13.99 -9.52 -0.25
CA ARG C 296 14.18 -8.36 0.62
C ARG C 296 13.21 -8.27 1.77
N GLY C 297 12.32 -9.26 1.89
CA GLY C 297 11.30 -9.25 2.91
C GLY C 297 9.88 -9.53 2.45
N ILE C 298 9.01 -9.34 3.42
CA ILE C 298 7.62 -9.63 3.36
C ILE C 298 6.99 -8.30 3.06
N ILE C 299 6.14 -8.27 2.03
CA ILE C 299 5.37 -7.07 1.72
C ILE C 299 3.86 -7.43 1.58
N PRO C 300 2.98 -6.47 1.85
CA PRO C 300 1.66 -6.61 1.34
C PRO C 300 1.73 -6.54 -0.20
N PRO C 301 0.77 -7.18 -0.92
CA PRO C 301 0.81 -7.16 -2.39
C PRO C 301 0.90 -5.74 -3.02
N TYR C 302 0.29 -4.76 -2.37
CA TYR C 302 0.26 -3.40 -2.84
C TYR C 302 1.56 -2.58 -2.76
N ALA C 303 2.59 -3.17 -2.15
CA ALA C 303 3.88 -2.53 -2.06
C ALA C 303 4.71 -3.00 -3.26
N ALA C 304 4.10 -3.70 -4.21
CA ALA C 304 4.83 -4.04 -5.40
C ALA C 304 5.36 -2.76 -6.06
N ILE C 305 4.56 -1.72 -6.10
CA ILE C 305 5.00 -0.42 -6.65
C ILE C 305 6.32 0.16 -6.07
N ASP C 306 6.60 -0.09 -4.79
CA ASP C 306 7.83 0.36 -4.10
C ASP C 306 9.04 -0.50 -4.53
N ILE C 307 8.90 -1.83 -4.57
CA ILE C 307 9.91 -2.72 -5.20
C ILE C 307 10.26 -2.16 -6.61
N LEU C 308 9.24 -1.93 -7.43
CA LEU C 308 9.44 -1.42 -8.78
C LEU C 308 10.11 -0.04 -8.82
N LYS C 309 9.67 0.85 -7.95
CA LYS C 309 10.10 2.26 -7.97
C LYS C 309 11.59 2.24 -7.68
N GLU C 310 11.94 1.58 -6.57
CA GLU C 310 13.28 1.66 -6.03
C GLU C 310 14.31 0.86 -6.84
N GLU C 311 13.89 -0.15 -7.61
CA GLU C 311 14.84 -1.01 -8.33
C GLU C 311 14.80 -0.95 -9.85
N PHE C 312 13.71 -0.46 -10.47
CA PHE C 312 13.54 -0.46 -11.97
C PHE C 312 13.03 0.82 -12.64
N GLY C 313 12.52 1.77 -11.85
CA GLY C 313 11.81 2.95 -12.37
C GLY C 313 12.68 3.90 -13.18
N TRP C 314 13.98 3.93 -12.84
CA TRP C 314 15.04 4.64 -13.60
C TRP C 314 15.11 4.21 -15.11
N ALA C 315 15.05 2.89 -15.34
CA ALA C 315 15.31 2.28 -16.67
C ALA C 315 14.18 2.52 -17.70
N LEU C 316 12.98 2.86 -17.22
CA LEU C 316 11.80 3.07 -18.08
C LEU C 316 11.87 4.29 -19.01
N LYS C 317 12.50 5.37 -18.56
CA LYS C 317 12.73 6.56 -19.40
C LYS C 317 13.66 6.37 -20.62
N TYR C 318 14.43 5.26 -20.66
CA TYR C 318 15.21 4.86 -21.87
C TYR C 318 14.57 3.66 -22.59
N LYS C 319 15.09 3.39 -23.79
CA LYS C 319 14.72 2.22 -24.60
C LYS C 319 15.31 0.94 -24.02
N GLU C 320 14.88 -0.19 -24.56
CA GLU C 320 15.38 -1.48 -24.09
C GLU C 320 16.89 -1.51 -24.40
N PRO C 321 17.72 -2.03 -23.48
CA PRO C 321 19.17 -1.93 -23.69
C PRO C 321 19.72 -2.65 -24.93
N TRP C 322 19.07 -3.71 -25.34
CA TRP C 322 19.40 -4.38 -26.60
C TRP C 322 18.79 -3.73 -27.88
N GLU C 323 18.20 -2.55 -27.81
CA GLU C 323 17.62 -1.94 -29.03
C GLU C 323 18.59 -0.90 -29.63
N ASP C 324 18.33 -0.59 -30.92
CA ASP C 324 19.14 0.32 -31.73
C ASP C 324 18.51 1.71 -31.75
C1 RUB D . -4.00 -3.95 25.94
C2 RUB D . -4.22 -3.64 24.49
C3 RUB D . -4.29 -2.19 24.11
C4 RUB D . -2.92 -1.90 23.48
C5 RUB D . -2.68 -0.44 23.19
O1 RUB D . -3.24 -5.12 26.29
O2 RUB D . -4.27 -4.54 23.65
O3 RUB D . -5.32 -1.83 23.17
O4 RUB D . -1.85 -2.46 24.26
O5 RUB D . -2.91 0.41 24.28
P1 RUB D . -3.05 -5.33 27.89
P2 RUB D . -2.09 1.81 24.33
O1P RUB D . -3.11 -6.84 27.93
O2P RUB D . -4.12 -4.66 28.70
O3P RUB D . -1.66 -4.71 28.17
O4P RUB D . -2.47 2.32 25.68
O5P RUB D . -0.65 1.44 24.10
O6P RUB D . -2.64 2.66 23.21
K K E . -23.48 2.46 11.52
P AMP F . -17.36 4.52 3.51
O1P AMP F . -17.23 3.01 3.63
O2P AMP F . -17.76 5.38 4.68
O3P AMP F . -18.06 5.11 2.28
O5' AMP F . -15.79 4.90 3.34
C5' AMP F . -15.37 5.76 2.32
C4' AMP F . -13.89 5.97 2.43
O4' AMP F . -13.58 7.37 2.35
C3' AMP F . -13.25 5.49 3.70
O3' AMP F . -12.00 5.00 3.19
C2' AMP F . -13.03 6.70 4.57
O2' AMP F . -11.72 6.64 5.15
C1' AMP F . -13.07 7.85 3.59
N9 AMP F . -13.90 9.05 3.77
C8 AMP F . -15.24 9.20 3.90
N7 AMP F . -15.62 10.49 4.00
C5 AMP F . -14.49 11.16 3.87
C6 AMP F . -14.11 12.55 3.82
N6 AMP F . -15.05 13.51 3.93
N1 AMP F . -12.80 12.84 3.67
C2 AMP F . -11.81 11.92 3.54
N3 AMP F . -12.04 10.62 3.57
C4 AMP F . -13.36 10.23 3.70
C1 MPD G . -20.44 -10.72 5.27
C2 MPD G . -19.03 -11.22 4.91
O2 MPD G . -18.41 -11.71 6.10
CM MPD G . -19.08 -12.35 3.88
C3 MPD G . -18.27 -10.05 4.22
C4 MPD G . -17.09 -9.45 4.96
O4 MPD G . -17.62 -9.01 6.23
C5 MPD G . -15.87 -10.40 4.99
C1 RUB H . -16.26 17.46 -11.73
C2 RUB H . -15.82 16.04 -11.38
C3 RUB H . -14.80 15.38 -12.29
C4 RUB H . -13.42 15.76 -11.66
C5 RUB H . -12.25 15.51 -12.57
O1 RUB H . -16.88 18.21 -10.67
O2 RUB H . -16.19 15.50 -10.36
O3 RUB H . -14.92 13.95 -12.35
O4 RUB H . -13.48 17.09 -11.20
O5 RUB H . -12.16 16.54 -13.54
P1 RUB H . -17.60 19.59 -11.15
P2 RUB H . -10.84 16.65 -14.43
O1P RUB H . -18.57 19.91 -10.05
O2P RUB H . -18.18 19.38 -12.52
O3P RUB H . -16.42 20.61 -11.15
O4P RUB H . -9.93 17.36 -13.50
O5P RUB H . -10.25 15.28 -14.72
O6P RUB H . -11.41 17.42 -15.62
K K I . -18.49 -7.10 -17.26
P AMP J . -10.11 -9.23 -11.98
O1P AMP J . -10.52 -10.49 -11.30
O2P AMP J . -9.65 -9.52 -13.40
O3P AMP J . -10.98 -8.04 -11.63
O5' AMP J . -8.70 -8.84 -11.27
C5' AMP J . -7.56 -8.64 -12.11
C4' AMP J . -6.44 -7.92 -11.42
O4' AMP J . -5.28 -8.02 -12.24
C3' AMP J . -6.74 -6.46 -11.34
O3' AMP J . -6.09 -5.93 -10.17
C2' AMP J . -6.17 -5.89 -12.64
O2' AMP J . -5.75 -4.55 -12.40
C1' AMP J . -5.03 -6.82 -12.95
N9 AMP J . -4.84 -7.43 -14.27
C8 AMP J . -5.63 -8.29 -14.92
N7 AMP J . -5.10 -8.65 -16.10
C5 AMP J . -3.94 -8.05 -16.17
C6 AMP J . -2.85 -8.03 -17.15
N6 AMP J . -2.98 -8.77 -18.25
N1 AMP J . -1.77 -7.27 -16.88
C2 AMP J . -1.70 -6.54 -15.77
N3 AMP J . -2.64 -6.51 -14.83
C4 AMP J . -3.75 -7.24 -14.98
C1 RUB K . 5.81 -21.74 -14.11
C2 RUB K . 5.01 -21.01 -13.07
C3 RUB K . 5.61 -20.87 -11.71
C4 RUB K . 6.50 -19.61 -11.89
C5 RUB K . 7.40 -19.45 -10.72
O1 RUB K . 5.20 -21.70 -15.36
O2 RUB K . 3.97 -20.45 -13.35
O3 RUB K . 4.66 -20.69 -10.62
O4 RUB K . 7.31 -19.57 -13.07
O5 RUB K . 8.32 -20.51 -10.61
P1 RUB K . 5.83 -22.51 -16.59
P2 RUB K . 9.76 -20.20 -9.90
O1P RUB K . 5.97 -23.96 -16.23
O2P RUB K . 4.91 -22.31 -17.72
O3P RUB K . 7.13 -21.67 -16.77
O4P RUB K . 9.45 -19.87 -8.46
O5P RUB K . 10.23 -18.91 -10.57
O6P RUB K . 10.46 -21.54 -10.18
K K L . -8.84 -23.85 6.29
P AMP M . -6.89 -14.27 8.85
O1P AMP M . -5.96 -15.39 9.23
O2P AMP M . -7.50 -14.38 7.45
O3P AMP M . -7.70 -13.85 10.07
O5' AMP M . -6.02 -12.95 8.66
C5' AMP M . -5.01 -12.67 9.62
C4' AMP M . -4.13 -11.52 9.15
O4' AMP M . -3.14 -11.27 10.14
C3' AMP M . -3.39 -11.90 7.88
O3' AMP M . -3.14 -10.67 7.20
C2' AMP M . -2.13 -12.60 8.40
O2' AMP M . -0.96 -12.36 7.63
C1' AMP M . -1.94 -11.95 9.76
N9 AMP M . -1.61 -12.80 10.92
C8 AMP M . -2.36 -13.72 11.58
N7 AMP M . -1.70 -14.21 12.64
C5 AMP M . -0.54 -13.57 12.71
C6 AMP M . 0.65 -13.57 13.60
N6 AMP M . 0.72 -14.36 14.65
N1 AMP M . 1.67 -12.74 13.32
C2 AMP M . 1.62 -11.92 12.25
N3 AMP M . 0.58 -11.86 11.38
C4 AMP M . -0.50 -12.63 11.58
#